data_8HWN
#
_entry.id   8HWN
#
_cell.length_a   83.200
_cell.length_b   98.288
_cell.length_c   174.785
_cell.angle_alpha   90.00
_cell.angle_beta   90.00
_cell.angle_gamma   90.00
#
_symmetry.space_group_name_H-M   'P 21 2 21'
#
loop_
_entity.id
_entity.type
_entity.pdbx_description
1 polymer DepB
2 non-polymer 'SODIUM ION'
3 non-polymer 'CHLORIDE ION'
4 water water
#
_entity_poly.entity_id   1
_entity_poly.type   'polypeptide(L)'
_entity_poly.pdbx_seq_one_letter_code
;MEYRKLGNSGTVVTSYCLGTMTFGQETDEATSHLIMDDYIKAGGNFIDTANVYSAGVSEEIVGRWLKARPSEARQVVVAT
KGRFPMGAGPNDLGLSRTNLNRALNDSLRRLGVEQIDLYQMHAWDAVTPIEETLRFLDDAVSAGKIAYYGFSNYLGWQVT
KAVHVARANHWTAPVTLQPQYNLLVRDIEHEIVPACQDAAMGLLPWSPLGGGWLAGKYQRDVMPSGATRLGENPNRGMES
YGPRNAQERTWQIIDMVAEIAKERGVSAAQVALAWVVARPAVTAVILGARTREQLADNLGAVAVTLSTEEMERLNRVSAP
AMADYPYGERGVSQRHRKMDGGR
;
_entity_poly.pdbx_strand_id   B,A,C,D
#
loop_
_chem_comp.id
_chem_comp.type
_chem_comp.name
_chem_comp.formula
CL non-polymer 'CHLORIDE ION' 'Cl -1'
NA non-polymer 'SODIUM ION' 'Na 1'
#
# COMPACT_ATOMS: atom_id res chain seq x y z
N TYR A 3 -0.42 -3.59 -10.92
CA TYR A 3 -0.67 -5.04 -11.00
C TYR A 3 -0.74 -5.56 -12.48
N ARG A 4 -0.11 -6.72 -12.71
CA ARG A 4 -0.09 -7.39 -14.00
C ARG A 4 -1.03 -8.61 -13.98
N LYS A 5 -1.77 -8.78 -15.07
CA LYS A 5 -2.68 -9.90 -15.29
C LYS A 5 -2.43 -10.42 -16.71
N LEU A 6 -2.91 -11.63 -16.97
CA LEU A 6 -2.97 -12.13 -18.33
C LEU A 6 -4.30 -11.73 -18.98
N GLY A 7 -4.29 -11.59 -20.32
CA GLY A 7 -5.54 -11.61 -21.07
C GLY A 7 -5.92 -12.98 -21.62
N ASN A 8 -6.32 -13.97 -20.78
CA ASN A 8 -6.53 -15.39 -21.17
C ASN A 8 -5.42 -15.99 -22.07
N SER A 9 -4.18 -15.57 -21.88
CA SER A 9 -3.14 -16.15 -22.69
C SER A 9 -1.86 -16.05 -21.87
N GLY A 10 -0.72 -16.17 -22.51
CA GLY A 10 0.53 -16.03 -21.77
C GLY A 10 0.99 -14.59 -21.65
N THR A 11 0.50 -13.71 -22.52
CA THR A 11 0.94 -12.32 -22.51
C THR A 11 0.35 -11.61 -21.30
N VAL A 12 1.20 -10.95 -20.53
CA VAL A 12 0.72 -10.20 -19.38
C VAL A 12 0.58 -8.74 -19.75
N VAL A 13 -0.28 -8.07 -19.01
CA VAL A 13 -0.72 -6.74 -19.38
C VAL A 13 -1.05 -6.00 -18.09
N THR A 14 -0.81 -4.69 -18.10
CA THR A 14 -1.00 -3.93 -16.88
C THR A 14 -2.48 -3.71 -16.61
N SER A 15 -2.78 -3.46 -15.33
CA SER A 15 -4.17 -3.45 -14.85
C SER A 15 -4.99 -2.31 -15.46
N TYR A 16 -4.34 -1.27 -15.95
CA TYR A 16 -4.99 -0.17 -16.66
C TYR A 16 -4.55 -0.15 -18.11
N CYS A 17 -5.49 0.11 -19.01
CA CYS A 17 -5.23 0.21 -20.43
C CYS A 17 -5.52 1.63 -20.92
N LEU A 18 -4.68 2.11 -21.84
CA LEU A 18 -4.83 3.43 -22.42
C LEU A 18 -5.75 3.38 -23.62
N GLY A 19 -6.94 3.95 -23.48
CA GLY A 19 -7.78 4.19 -24.63
C GLY A 19 -7.18 5.25 -25.53
N THR A 20 -7.55 5.19 -26.81
CA THR A 20 -7.06 6.18 -27.76
C THR A 20 -8.20 6.67 -28.66
N MET A 21 -9.45 6.50 -28.23
CA MET A 21 -10.58 7.03 -28.97
C MET A 21 -10.44 8.53 -29.21
N THR A 22 -9.92 9.24 -28.21
CA THR A 22 -9.86 10.70 -28.22
C THR A 22 -8.78 11.24 -29.15
N PHE A 23 -7.81 10.40 -29.53
CA PHE A 23 -6.58 10.89 -30.13
C PHE A 23 -6.75 11.58 -31.48
N GLY A 24 -7.90 11.47 -32.14
CA GLY A 24 -8.12 12.29 -33.31
C GLY A 24 -9.18 13.37 -33.12
N GLN A 25 -10.23 13.02 -32.40
CA GLN A 25 -11.44 13.83 -32.30
C GLN A 25 -11.18 15.11 -31.52
N GLU A 26 -10.61 14.95 -30.33
CA GLU A 26 -10.46 16.01 -29.35
C GLU A 26 -8.98 16.32 -29.10
N THR A 27 -8.23 15.31 -28.72
CA THR A 27 -6.80 15.45 -28.47
C THR A 27 -6.05 15.49 -29.80
N ASP A 28 -5.02 16.35 -29.85
CA ASP A 28 -4.12 16.46 -30.98
C ASP A 28 -2.94 15.49 -30.82
N GLU A 29 -2.18 15.32 -31.90
CA GLU A 29 -1.16 14.28 -31.94
C GLU A 29 -0.03 14.53 -30.95
N ALA A 30 0.28 15.79 -30.67
CA ALA A 30 1.36 16.06 -29.72
C ALA A 30 0.91 15.75 -28.28
N THR A 31 -0.30 16.22 -27.90
CA THR A 31 -0.87 15.86 -26.60
C THR A 31 -1.12 14.37 -26.50
N SER A 32 -1.43 13.72 -27.62
CA SER A 32 -1.54 12.27 -27.64
C SER A 32 -0.19 11.62 -27.31
N HIS A 33 0.89 12.08 -27.96
CA HIS A 33 2.19 11.47 -27.70
C HIS A 33 2.58 11.63 -26.24
N LEU A 34 2.20 12.75 -25.63
CA LEU A 34 2.60 12.99 -24.24
C LEU A 34 1.71 12.24 -23.26
N ILE A 35 0.41 12.09 -23.57
CA ILE A 35 -0.42 11.22 -22.74
C ILE A 35 0.13 9.82 -22.75
N MET A 36 0.53 9.34 -23.92
CA MET A 36 1.15 8.03 -24.02
C MET A 36 2.46 8.00 -23.25
N ASP A 37 3.29 9.04 -23.40
CA ASP A 37 4.54 9.08 -22.65
C ASP A 37 4.28 9.00 -21.15
N ASP A 38 3.23 9.68 -20.69
CA ASP A 38 2.86 9.60 -19.27
C ASP A 38 2.46 8.17 -18.91
N TYR A 39 1.55 7.60 -19.70
CA TYR A 39 1.08 6.24 -19.45
C TYR A 39 2.24 5.28 -19.26
N ILE A 40 3.19 5.27 -20.20
CA ILE A 40 4.38 4.44 -20.06
C ILE A 40 5.09 4.77 -18.77
N LYS A 41 5.30 6.07 -18.50
CA LYS A 41 6.10 6.45 -17.35
C LYS A 41 5.42 6.06 -16.05
N ALA A 42 4.08 5.95 -16.05
CA ALA A 42 3.36 5.33 -14.95
C ALA A 42 3.45 3.80 -14.96
N GLY A 43 4.11 3.21 -15.96
CA GLY A 43 4.34 1.79 -15.96
C GLY A 43 3.30 0.93 -16.66
N GLY A 44 2.52 1.51 -17.56
CA GLY A 44 1.59 0.72 -18.32
C GLY A 44 2.24 0.08 -19.53
N ASN A 45 1.59 -0.95 -20.08
CA ASN A 45 2.08 -1.54 -21.31
C ASN A 45 0.95 -1.92 -22.27
N PHE A 46 -0.20 -1.24 -22.19
CA PHE A 46 -1.41 -1.66 -22.91
C PHE A 46 -2.11 -0.48 -23.59
N ILE A 47 -2.09 -0.47 -24.93
CA ILE A 47 -2.79 0.52 -25.75
C ILE A 47 -3.94 -0.14 -26.50
N ASP A 48 -5.13 0.42 -26.38
CA ASP A 48 -6.29 -0.01 -27.15
C ASP A 48 -6.69 1.09 -28.12
N THR A 49 -6.75 0.73 -29.40
CA THR A 49 -7.29 1.65 -30.40
C THR A 49 -8.32 0.96 -31.29
N ALA A 50 -8.79 1.67 -32.33
CA ALA A 50 -9.66 1.09 -33.34
C ALA A 50 -9.35 1.76 -34.66
N ASN A 51 -9.66 1.04 -35.75
CA ASN A 51 -9.56 1.66 -37.06
C ASN A 51 -10.54 2.82 -37.20
N VAL A 52 -11.78 2.65 -36.69
CA VAL A 52 -12.79 3.69 -36.85
C VAL A 52 -12.59 4.87 -35.89
N TYR A 53 -11.70 4.74 -34.91
CA TYR A 53 -11.41 5.89 -34.08
C TYR A 53 -10.79 6.97 -34.96
N SER A 54 -11.58 8.03 -35.22
CA SER A 54 -11.13 9.18 -36.02
C SER A 54 -10.64 8.75 -37.40
N ALA A 55 -11.31 7.76 -37.99
CA ALA A 55 -10.97 7.30 -39.33
C ALA A 55 -9.54 6.78 -39.43
N GLY A 56 -9.07 6.10 -38.40
CA GLY A 56 -7.74 5.51 -38.42
C GLY A 56 -6.61 6.45 -38.07
N VAL A 57 -6.89 7.75 -37.95
CA VAL A 57 -5.92 8.71 -37.41
C VAL A 57 -5.43 8.25 -36.04
N SER A 58 -6.38 7.82 -35.20
CA SER A 58 -6.06 7.29 -33.87
C SER A 58 -4.95 6.25 -33.95
N GLU A 59 -5.06 5.33 -34.90
CA GLU A 59 -4.02 4.31 -35.07
C GLU A 59 -2.71 4.93 -35.54
N GLU A 60 -2.77 5.92 -36.42
CA GLU A 60 -1.55 6.46 -37.02
C GLU A 60 -0.73 7.22 -35.99
N ILE A 61 -1.41 7.94 -35.08
CA ILE A 61 -0.71 8.59 -33.98
C ILE A 61 -0.01 7.56 -33.10
N VAL A 62 -0.74 6.49 -32.72
CA VAL A 62 -0.10 5.40 -31.99
C VAL A 62 1.06 4.84 -32.80
N GLY A 63 0.87 4.69 -34.11
CA GLY A 63 1.91 4.14 -34.96
C GLY A 63 3.13 5.03 -35.02
N ARG A 64 2.91 6.34 -35.17
CA ARG A 64 4.05 7.26 -35.16
C ARG A 64 4.75 7.26 -33.80
N TRP A 65 3.99 7.22 -32.70
CA TRP A 65 4.59 7.16 -31.37
C TRP A 65 5.40 5.88 -31.16
N LEU A 66 4.96 4.77 -31.75
CA LEU A 66 5.77 3.55 -31.73
C LEU A 66 7.05 3.74 -32.54
N LYS A 67 7.00 4.60 -33.57
N LYS A 67 7.00 4.58 -33.58
CA LYS A 67 8.19 4.88 -34.35
CA LYS A 67 8.21 4.86 -34.34
C LYS A 67 9.18 5.75 -33.58
C LYS A 67 9.18 5.70 -33.53
N ALA A 68 8.66 6.69 -32.79
CA ALA A 68 9.51 7.54 -31.96
C ALA A 68 10.14 6.74 -30.83
N ARG A 69 9.36 5.89 -30.18
CA ARG A 69 9.83 5.15 -29.02
C ARG A 69 10.48 3.84 -29.46
N PRO A 70 11.72 3.56 -29.05
CA PRO A 70 12.31 2.28 -29.45
C PRO A 70 12.98 1.56 -28.28
N GLN A 75 8.56 -3.16 -24.06
CA GLN A 75 7.65 -3.35 -25.18
C GLN A 75 6.20 -3.20 -24.76
N VAL A 76 5.42 -2.67 -25.67
CA VAL A 76 4.02 -2.31 -25.45
C VAL A 76 3.14 -3.36 -26.12
N VAL A 77 2.04 -3.71 -25.45
CA VAL A 77 1.00 -4.58 -26.00
C VAL A 77 -0.03 -3.71 -26.72
N VAL A 78 -0.24 -3.96 -28.01
CA VAL A 78 -1.12 -3.11 -28.83
C VAL A 78 -2.34 -3.90 -29.28
N ALA A 79 -3.51 -3.26 -29.18
CA ALA A 79 -4.78 -3.84 -29.57
C ALA A 79 -5.50 -2.90 -30.52
N THR A 80 -6.15 -3.46 -31.56
CA THR A 80 -7.00 -2.66 -32.43
C THR A 80 -8.20 -3.50 -32.87
N LYS A 81 -9.09 -2.89 -33.62
CA LYS A 81 -10.38 -3.49 -33.95
C LYS A 81 -10.70 -3.31 -35.43
N GLY A 82 -11.73 -4.06 -35.87
CA GLY A 82 -12.32 -4.01 -37.19
C GLY A 82 -13.82 -3.84 -37.07
N ARG A 83 -14.54 -4.37 -38.06
CA ARG A 83 -16.00 -4.49 -38.11
C ARG A 83 -16.82 -3.22 -38.36
N PHE A 84 -16.26 -2.05 -38.17
CA PHE A 84 -17.12 -0.89 -38.31
C PHE A 84 -16.78 -0.10 -39.58
N PRO A 85 -17.73 0.68 -40.12
CA PRO A 85 -17.55 1.30 -41.45
C PRO A 85 -16.35 2.21 -41.51
N MET A 86 -15.38 1.84 -42.35
CA MET A 86 -14.26 2.69 -42.73
C MET A 86 -14.55 3.47 -44.01
N GLY A 87 -15.63 3.13 -44.70
CA GLY A 87 -16.17 3.95 -45.76
C GLY A 87 -17.65 3.68 -45.74
N ALA A 88 -18.36 4.30 -46.68
CA ALA A 88 -19.81 4.17 -46.77
C ALA A 88 -20.26 3.11 -47.76
N GLY A 89 -19.35 2.25 -48.22
CA GLY A 89 -19.73 1.19 -49.11
C GLY A 89 -20.25 -0.01 -48.35
N PRO A 90 -20.84 -0.97 -49.07
CA PRO A 90 -21.45 -2.12 -48.41
C PRO A 90 -20.46 -3.16 -47.89
N ASN A 91 -19.22 -3.17 -48.39
CA ASN A 91 -18.17 -4.06 -47.89
C ASN A 91 -17.04 -3.27 -47.25
N ASP A 92 -17.32 -2.04 -46.82
CA ASP A 92 -16.39 -1.31 -46.00
C ASP A 92 -16.75 -1.46 -44.54
N LEU A 93 -17.64 -2.40 -44.24
CA LEU A 93 -18.00 -2.79 -42.89
C LEU A 93 -18.32 -4.29 -42.90
N GLY A 94 -18.14 -4.93 -41.75
CA GLY A 94 -18.53 -6.33 -41.63
C GLY A 94 -17.42 -7.26 -41.21
N LEU A 95 -17.78 -8.45 -40.76
CA LEU A 95 -16.80 -9.46 -40.36
C LEU A 95 -16.50 -10.41 -41.50
N SER A 96 -16.88 -10.04 -42.72
CA SER A 96 -16.48 -10.77 -43.91
C SER A 96 -14.96 -10.82 -44.00
N ARG A 97 -14.45 -11.89 -44.59
CA ARG A 97 -13.01 -11.95 -44.76
C ARG A 97 -12.54 -11.03 -45.86
N THR A 98 -13.42 -10.58 -46.76
CA THR A 98 -12.97 -9.63 -47.78
C THR A 98 -12.68 -8.27 -47.15
N ASN A 99 -13.62 -7.74 -46.36
CA ASN A 99 -13.40 -6.46 -45.67
C ASN A 99 -12.33 -6.59 -44.59
N LEU A 100 -12.42 -7.62 -43.74
CA LEU A 100 -11.43 -7.79 -42.68
C LEU A 100 -10.02 -7.95 -43.24
N ASN A 101 -9.88 -8.51 -44.44
CA ASN A 101 -8.55 -8.71 -45.01
C ASN A 101 -7.89 -7.37 -45.29
N ARG A 102 -8.61 -6.44 -45.92
CA ARG A 102 -8.04 -5.13 -46.10
C ARG A 102 -8.09 -4.32 -44.80
N ALA A 103 -9.08 -4.62 -43.94
CA ALA A 103 -9.19 -3.92 -42.66
C ALA A 103 -7.99 -4.21 -41.75
N LEU A 104 -7.48 -5.44 -41.78
CA LEU A 104 -6.29 -5.78 -41.01
C LEU A 104 -5.04 -5.23 -41.69
N ASN A 105 -4.99 -5.28 -43.02
CA ASN A 105 -3.80 -4.78 -43.70
C ASN A 105 -3.65 -3.28 -43.46
N ASP A 106 -4.77 -2.54 -43.40
CA ASP A 106 -4.73 -1.10 -43.19
C ASP A 106 -4.44 -0.73 -41.74
N SER A 107 -4.96 -1.51 -40.77
CA SER A 107 -4.52 -1.29 -39.39
C SER A 107 -3.04 -1.58 -39.23
N LEU A 108 -2.54 -2.57 -39.96
CA LEU A 108 -1.13 -2.91 -39.89
C LEU A 108 -0.25 -1.79 -40.45
N ARG A 109 -0.57 -1.28 -41.65
CA ARG A 109 0.26 -0.23 -42.25
C ARG A 109 0.12 1.07 -41.48
N ARG A 110 -1.06 1.32 -40.89
CA ARG A 110 -1.24 2.55 -40.12
C ARG A 110 -0.54 2.48 -38.76
N LEU A 111 -0.40 1.28 -38.17
CA LEU A 111 0.35 1.13 -36.93
C LEU A 111 1.82 0.84 -37.15
N GLY A 112 2.22 0.55 -38.39
CA GLY A 112 3.62 0.31 -38.70
C GLY A 112 4.22 -0.85 -37.94
N VAL A 113 3.40 -1.79 -37.49
CA VAL A 113 3.87 -3.01 -36.84
C VAL A 113 3.81 -4.15 -37.85
N GLU A 114 4.50 -5.24 -37.54
CA GLU A 114 4.34 -6.45 -38.33
C GLU A 114 3.41 -7.46 -37.67
N GLN A 115 3.14 -7.31 -36.37
CA GLN A 115 2.15 -8.18 -35.75
C GLN A 115 1.34 -7.38 -34.74
N ILE A 116 0.02 -7.39 -34.91
CA ILE A 116 -0.87 -6.84 -33.90
C ILE A 116 -0.99 -7.85 -32.77
N ASP A 117 -0.90 -7.39 -31.54
CA ASP A 117 -0.93 -8.37 -30.45
C ASP A 117 -2.35 -8.86 -30.25
N LEU A 118 -3.31 -7.95 -30.18
CA LEU A 118 -4.71 -8.29 -29.97
C LEU A 118 -5.51 -7.66 -31.09
N TYR A 119 -6.20 -8.49 -31.86
CA TYR A 119 -7.14 -8.01 -32.85
C TYR A 119 -8.54 -8.30 -32.34
N GLN A 120 -9.42 -7.31 -32.38
CA GLN A 120 -10.75 -7.48 -31.80
C GLN A 120 -11.83 -7.25 -32.83
N MET A 121 -12.88 -8.07 -32.79
CA MET A 121 -14.09 -7.77 -33.55
C MET A 121 -14.86 -6.70 -32.82
N HIS A 122 -15.08 -5.54 -33.45
CA HIS A 122 -15.69 -4.45 -32.71
C HIS A 122 -17.15 -4.74 -32.38
N ALA A 123 -17.83 -5.50 -33.22
CA ALA A 123 -19.19 -5.93 -32.92
C ALA A 123 -19.48 -7.27 -33.60
N TRP A 124 -20.49 -7.94 -33.07
CA TRP A 124 -21.09 -9.08 -33.74
C TRP A 124 -21.50 -8.68 -35.16
N ASP A 125 -21.55 -9.66 -36.06
CA ASP A 125 -22.00 -9.39 -37.43
C ASP A 125 -22.85 -10.57 -37.87
N ALA A 126 -24.17 -10.37 -37.83
CA ALA A 126 -25.12 -11.43 -38.17
C ALA A 126 -25.07 -11.80 -39.65
N VAL A 127 -24.50 -10.96 -40.50
CA VAL A 127 -24.48 -11.25 -41.93
C VAL A 127 -23.35 -12.21 -42.27
N THR A 128 -22.20 -12.06 -41.61
CA THR A 128 -21.10 -13.02 -41.76
C THR A 128 -21.34 -14.22 -40.87
N PRO A 129 -21.38 -15.43 -41.42
CA PRO A 129 -21.27 -16.64 -40.58
C PRO A 129 -20.03 -16.57 -39.71
N ILE A 130 -20.16 -17.01 -38.45
CA ILE A 130 -19.03 -16.91 -37.53
C ILE A 130 -17.85 -17.73 -38.03
N GLU A 131 -18.12 -18.85 -38.72
CA GLU A 131 -17.08 -19.72 -39.26
C GLU A 131 -16.15 -18.99 -40.21
N GLU A 132 -16.71 -18.17 -41.10
CA GLU A 132 -15.86 -17.41 -41.99
C GLU A 132 -14.95 -16.48 -41.21
N THR A 133 -15.51 -15.76 -40.24
CA THR A 133 -14.71 -14.84 -39.43
C THR A 133 -13.59 -15.59 -38.70
N LEU A 134 -13.93 -16.63 -37.92
CA LEU A 134 -12.90 -17.33 -37.14
C LEU A 134 -11.84 -17.95 -38.03
N ARG A 135 -12.23 -18.52 -39.18
CA ARG A 135 -11.25 -19.00 -40.16
C ARG A 135 -10.35 -17.86 -40.65
N PHE A 136 -10.90 -16.66 -40.83
CA PHE A 136 -10.02 -15.58 -41.26
C PHE A 136 -9.02 -15.24 -40.15
N LEU A 137 -9.47 -15.28 -38.88
CA LEU A 137 -8.58 -14.91 -37.78
C LEU A 137 -7.52 -15.98 -37.53
N ASP A 138 -7.85 -17.25 -37.78
CA ASP A 138 -6.86 -18.30 -37.63
C ASP A 138 -5.79 -18.18 -38.72
N ASP A 139 -6.20 -17.89 -39.96
CA ASP A 139 -5.26 -17.66 -41.05
C ASP A 139 -4.35 -16.48 -40.74
N ALA A 140 -4.91 -15.44 -40.11
CA ALA A 140 -4.10 -14.30 -39.70
C ALA A 140 -3.09 -14.69 -38.62
N VAL A 141 -3.48 -15.58 -37.68
CA VAL A 141 -2.54 -16.05 -36.67
C VAL A 141 -1.42 -16.86 -37.31
N SER A 142 -1.76 -17.71 -38.29
CA SER A 142 -0.74 -18.48 -38.97
C SER A 142 0.21 -17.57 -39.73
N ALA A 143 -0.32 -16.53 -40.37
CA ALA A 143 0.47 -15.62 -41.17
C ALA A 143 1.37 -14.70 -40.36
N GLY A 144 1.22 -14.64 -39.02
CA GLY A 144 1.99 -13.71 -38.21
C GLY A 144 1.51 -12.27 -38.28
N LYS A 145 0.34 -12.01 -38.88
CA LYS A 145 -0.24 -10.66 -38.90
C LYS A 145 -0.81 -10.25 -37.54
N ILE A 146 -1.28 -11.22 -36.76
CA ILE A 146 -1.88 -10.96 -35.44
C ILE A 146 -1.39 -12.05 -34.51
N ALA A 147 -1.44 -11.75 -33.21
CA ALA A 147 -1.17 -12.77 -32.21
C ALA A 147 -2.45 -13.41 -31.70
N TYR A 148 -3.30 -12.63 -31.08
CA TYR A 148 -4.52 -13.15 -30.52
C TYR A 148 -5.68 -12.36 -31.09
N TYR A 149 -6.88 -12.90 -30.88
CA TYR A 149 -8.09 -12.22 -31.25
C TYR A 149 -9.04 -12.24 -30.07
N GLY A 150 -9.94 -11.25 -30.04
CA GLY A 150 -11.04 -11.19 -29.10
C GLY A 150 -12.24 -10.48 -29.69
N PHE A 151 -13.23 -10.21 -28.84
CA PHE A 151 -14.46 -9.55 -29.26
C PHE A 151 -14.74 -8.32 -28.42
N SER A 152 -15.56 -7.45 -28.99
CA SER A 152 -16.17 -6.33 -28.32
C SER A 152 -17.62 -6.32 -28.79
N ASN A 153 -18.57 -6.13 -27.88
CA ASN A 153 -19.97 -6.03 -28.29
C ASN A 153 -20.41 -7.31 -28.99
N TYR A 154 -20.16 -8.43 -28.31
CA TYR A 154 -20.76 -9.72 -28.60
C TYR A 154 -21.68 -10.07 -27.44
N LEU A 155 -22.81 -10.69 -27.74
CA LEU A 155 -23.68 -11.20 -26.70
C LEU A 155 -23.10 -12.50 -26.11
N GLY A 156 -23.68 -12.92 -24.99
CA GLY A 156 -23.25 -14.13 -24.31
C GLY A 156 -23.29 -15.35 -25.18
N TRP A 157 -24.46 -15.68 -25.71
CA TRP A 157 -24.53 -16.87 -26.55
C TRP A 157 -23.59 -16.80 -27.74
N GLN A 158 -23.22 -15.58 -28.17
CA GLN A 158 -22.40 -15.38 -29.35
C GLN A 158 -20.94 -15.66 -29.04
N VAL A 159 -20.51 -15.25 -27.85
CA VAL A 159 -19.21 -15.65 -27.34
C VAL A 159 -19.12 -17.17 -27.24
N THR A 160 -20.16 -17.78 -26.64
CA THR A 160 -20.16 -19.22 -26.45
C THR A 160 -20.14 -19.96 -27.79
N LYS A 161 -20.86 -19.48 -28.80
CA LYS A 161 -20.82 -20.18 -30.09
C LYS A 161 -19.45 -20.04 -30.75
N ALA A 162 -18.79 -18.91 -30.55
CA ALA A 162 -17.50 -18.71 -31.20
C ALA A 162 -16.46 -19.60 -30.57
N VAL A 163 -16.41 -19.60 -29.23
CA VAL A 163 -15.43 -20.40 -28.49
C VAL A 163 -15.49 -21.85 -28.94
N HIS A 164 -16.67 -22.44 -28.86
CA HIS A 164 -16.81 -23.84 -29.22
C HIS A 164 -16.59 -24.08 -30.72
N VAL A 165 -17.01 -23.15 -31.57
CA VAL A 165 -16.71 -23.35 -32.99
C VAL A 165 -15.19 -23.28 -33.22
N ALA A 166 -14.48 -22.38 -32.54
CA ALA A 166 -13.02 -22.41 -32.62
C ALA A 166 -12.47 -23.74 -32.09
N ARG A 167 -12.97 -24.23 -30.95
CA ARG A 167 -12.49 -25.50 -30.42
C ARG A 167 -12.74 -26.64 -31.39
N ALA A 168 -13.84 -26.59 -32.14
CA ALA A 168 -14.19 -27.67 -33.06
C ALA A 168 -13.25 -27.74 -34.26
N ASN A 169 -12.63 -26.63 -34.65
CA ASN A 169 -11.79 -26.59 -35.84
C ASN A 169 -10.32 -26.46 -35.49
N HIS A 170 -9.95 -26.69 -34.24
CA HIS A 170 -8.55 -26.60 -33.84
C HIS A 170 -7.99 -25.21 -34.08
N TRP A 171 -8.81 -24.18 -33.97
CA TRP A 171 -8.29 -22.81 -34.03
C TRP A 171 -7.99 -22.26 -32.63
N THR A 172 -7.27 -21.14 -32.58
CA THR A 172 -6.91 -20.55 -31.30
C THR A 172 -8.16 -20.00 -30.58
N ALA A 173 -8.01 -19.82 -29.38
CA ALA A 173 -9.19 -19.43 -28.63
C ALA A 173 -9.24 -17.92 -28.51
N PRO A 174 -10.43 -17.32 -28.37
CA PRO A 174 -10.49 -15.90 -28.10
C PRO A 174 -9.95 -15.64 -26.73
N VAL A 175 -9.28 -14.51 -26.57
CA VAL A 175 -8.67 -14.20 -25.30
C VAL A 175 -9.53 -13.28 -24.45
N THR A 176 -10.14 -12.25 -25.04
CA THR A 176 -10.74 -11.18 -24.26
C THR A 176 -12.10 -10.85 -24.82
N LEU A 177 -12.87 -10.13 -24.01
CA LEU A 177 -14.06 -9.43 -24.44
C LEU A 177 -13.93 -7.98 -23.97
N GLN A 178 -14.22 -7.01 -24.86
CA GLN A 178 -14.18 -5.58 -24.52
C GLN A 178 -15.60 -5.06 -24.40
N PRO A 179 -16.24 -5.15 -23.25
CA PRO A 179 -17.59 -4.61 -23.12
C PRO A 179 -17.60 -3.22 -22.50
N GLN A 180 -18.76 -2.61 -22.49
CA GLN A 180 -19.00 -1.41 -21.71
C GLN A 180 -19.39 -1.88 -20.31
N TYR A 181 -18.68 -1.40 -19.28
CA TYR A 181 -18.88 -1.97 -17.95
C TYR A 181 -18.39 -0.94 -16.94
N ASN A 182 -19.31 -0.50 -16.09
CA ASN A 182 -19.03 0.40 -14.98
C ASN A 182 -20.18 0.24 -13.99
N LEU A 183 -20.06 0.92 -12.84
CA LEU A 183 -21.09 0.82 -11.82
C LEU A 183 -22.50 1.12 -12.34
N LEU A 184 -22.63 1.86 -13.44
CA LEU A 184 -23.94 2.14 -14.02
C LEU A 184 -24.34 1.16 -15.12
N VAL A 185 -23.39 0.56 -15.82
CA VAL A 185 -23.69 -0.34 -16.93
C VAL A 185 -23.21 -1.72 -16.52
N ARG A 186 -24.11 -2.52 -15.93
CA ARG A 186 -23.76 -3.84 -15.39
C ARG A 186 -24.61 -4.98 -15.96
N ASP A 187 -25.23 -4.81 -17.14
CA ASP A 187 -26.09 -5.86 -17.65
C ASP A 187 -25.32 -6.99 -18.33
N ILE A 188 -24.01 -6.81 -18.54
CA ILE A 188 -23.21 -7.93 -19.03
C ILE A 188 -23.10 -9.05 -18.02
N GLU A 189 -23.52 -8.83 -16.79
CA GLU A 189 -23.42 -9.86 -15.77
C GLU A 189 -24.45 -10.97 -15.91
N HIS A 190 -25.48 -10.82 -16.75
CA HIS A 190 -26.50 -11.86 -16.88
C HIS A 190 -26.04 -13.01 -17.77
N GLU A 191 -25.47 -12.72 -18.94
CA GLU A 191 -25.13 -13.78 -19.87
C GLU A 191 -23.70 -13.67 -20.38
N ILE A 192 -23.21 -12.44 -20.51
CA ILE A 192 -21.91 -12.21 -21.14
C ILE A 192 -20.75 -12.57 -20.22
N VAL A 193 -20.77 -12.11 -18.96
CA VAL A 193 -19.73 -12.52 -18.03
C VAL A 193 -19.75 -14.02 -17.77
N PRO A 194 -20.90 -14.65 -17.44
CA PRO A 194 -20.87 -16.12 -17.28
C PRO A 194 -20.28 -16.79 -18.50
N ALA A 195 -20.58 -16.28 -19.69
CA ALA A 195 -20.05 -16.94 -20.89
C ALA A 195 -18.52 -16.80 -20.98
N CYS A 196 -17.95 -15.65 -20.58
CA CYS A 196 -16.50 -15.50 -20.65
C CYS A 196 -15.80 -16.29 -19.55
N GLN A 197 -16.40 -16.32 -18.38
CA GLN A 197 -15.78 -17.08 -17.31
C GLN A 197 -15.75 -18.55 -17.67
N ASP A 198 -16.83 -19.03 -18.29
CA ASP A 198 -16.82 -20.42 -18.71
C ASP A 198 -15.69 -20.70 -19.71
N ALA A 199 -15.32 -19.73 -20.53
CA ALA A 199 -14.22 -19.94 -21.47
C ALA A 199 -12.89 -19.36 -21.00
N ALA A 200 -12.75 -19.14 -19.68
CA ALA A 200 -11.54 -18.58 -19.08
C ALA A 200 -11.14 -17.22 -19.66
N MET A 201 -12.04 -16.53 -20.36
CA MET A 201 -11.68 -15.29 -21.03
C MET A 201 -11.62 -14.13 -20.05
N GLY A 202 -10.92 -13.08 -20.46
CA GLY A 202 -10.80 -11.88 -19.66
C GLY A 202 -11.62 -10.74 -20.23
N LEU A 203 -12.20 -9.94 -19.34
CA LEU A 203 -12.89 -8.70 -19.72
C LEU A 203 -11.89 -7.56 -19.92
N LEU A 204 -12.15 -6.71 -20.90
CA LEU A 204 -11.49 -5.41 -21.05
C LEU A 204 -12.56 -4.35 -21.02
N PRO A 205 -12.97 -3.90 -19.83
CA PRO A 205 -14.07 -2.92 -19.76
C PRO A 205 -13.62 -1.54 -20.23
N TRP A 206 -14.49 -0.90 -21.02
CA TRP A 206 -14.33 0.51 -21.37
C TRP A 206 -15.51 1.28 -20.80
N SER A 207 -15.42 2.61 -20.89
CA SER A 207 -16.34 3.55 -20.27
C SER A 207 -16.57 3.29 -18.77
N PRO A 208 -15.42 3.27 -18.00
CA PRO A 208 -15.53 2.95 -16.56
C PRO A 208 -16.02 4.11 -15.69
N LEU A 209 -15.86 5.35 -16.14
CA LEU A 209 -16.53 6.45 -15.50
C LEU A 209 -17.95 6.67 -16.05
N GLY A 210 -18.53 5.69 -16.74
CA GLY A 210 -19.84 5.85 -17.34
C GLY A 210 -19.96 7.07 -18.24
N GLY A 211 -18.86 7.44 -18.90
CA GLY A 211 -18.86 8.63 -19.74
C GLY A 211 -18.83 9.94 -18.99
N GLY A 212 -18.61 9.93 -17.68
CA GLY A 212 -18.52 11.14 -16.86
C GLY A 212 -19.47 11.13 -15.69
N TRP A 213 -20.61 10.43 -15.81
CA TRP A 213 -21.62 10.41 -14.76
C TRP A 213 -21.06 10.02 -13.40
N LEU A 214 -19.98 9.23 -13.37
CA LEU A 214 -19.41 8.74 -12.12
C LEU A 214 -18.27 9.61 -11.62
N ALA A 215 -17.68 10.43 -12.48
CA ALA A 215 -16.54 11.25 -12.09
C ALA A 215 -16.96 12.53 -11.38
N GLY A 216 -18.25 12.77 -11.19
CA GLY A 216 -18.67 14.13 -10.86
C GLY A 216 -18.21 15.04 -11.98
N LYS A 217 -17.62 16.19 -11.59
CA LYS A 217 -17.19 17.32 -12.43
C LYS A 217 -18.39 18.19 -12.85
N TYR A 218 -19.62 17.76 -12.62
CA TYR A 218 -20.79 18.56 -12.85
C TYR A 218 -21.32 19.09 -11.50
N GLN A 219 -22.49 19.73 -11.54
CA GLN A 219 -22.94 20.57 -10.45
C GLN A 219 -24.26 20.08 -9.87
N ARG A 220 -24.40 18.79 -9.60
CA ARG A 220 -25.74 18.21 -9.40
C ARG A 220 -26.63 18.58 -10.60
N ASP A 221 -26.21 18.01 -11.74
CA ASP A 221 -26.77 18.22 -13.08
C ASP A 221 -28.22 17.73 -13.18
N VAL A 222 -28.81 17.93 -14.36
CA VAL A 222 -30.11 17.37 -14.69
C VAL A 222 -29.95 15.93 -15.18
N MET A 223 -30.92 15.06 -14.84
CA MET A 223 -30.71 13.66 -15.15
C MET A 223 -30.80 13.31 -16.65
N PRO A 224 -31.68 13.95 -17.49
CA PRO A 224 -31.66 13.70 -18.95
C PRO A 224 -30.75 14.64 -19.74
N SER A 225 -29.52 14.84 -19.27
CA SER A 225 -28.54 15.66 -19.97
C SER A 225 -27.69 14.77 -20.88
N GLY A 226 -27.84 14.92 -22.20
CA GLY A 226 -27.26 14.01 -23.18
C GLY A 226 -25.75 14.06 -23.31
N ALA A 227 -25.08 15.06 -22.71
CA ALA A 227 -23.64 15.22 -22.89
C ALA A 227 -22.86 14.11 -22.19
N THR A 228 -23.25 13.78 -20.96
CA THR A 228 -22.58 12.75 -20.17
C THR A 228 -23.30 11.43 -20.41
N ARG A 229 -22.61 10.49 -21.07
CA ARG A 229 -23.03 9.10 -21.23
C ARG A 229 -22.15 8.40 -22.25
N LEU A 230 -22.47 7.13 -22.49
C LEU A 230 -23.01 7.21 -25.45
N GLY A 231 -23.94 7.85 -24.74
CA GLY A 231 -25.31 7.97 -25.19
C GLY A 231 -25.73 9.45 -25.27
N GLU A 232 -26.44 9.80 -26.34
CA GLU A 232 -27.22 11.05 -26.42
C GLU A 232 -28.68 10.87 -25.96
N ASN A 233 -28.86 10.26 -24.79
CA ASN A 233 -30.15 10.17 -24.09
C ASN A 233 -30.07 10.35 -22.57
N PRO A 234 -28.90 10.12 -21.95
CA PRO A 234 -28.59 10.43 -20.55
C PRO A 234 -29.21 9.57 -19.45
N ASN A 235 -30.17 8.70 -19.76
CA ASN A 235 -30.62 7.73 -18.76
C ASN A 235 -31.31 6.57 -19.48
N ARG A 236 -30.56 5.48 -19.68
CA ARG A 236 -31.08 4.12 -19.81
C ARG A 236 -30.57 3.26 -18.66
N GLY A 237 -29.26 3.28 -18.47
CA GLY A 237 -28.61 3.09 -17.18
C GLY A 237 -27.43 4.05 -17.09
N MET A 238 -27.47 5.14 -17.88
CA MET A 238 -26.42 6.15 -17.96
C MET A 238 -25.07 5.57 -18.39
N ARG A 249 -31.14 3.32 -8.47
CA ARG A 249 -31.18 4.56 -9.23
C ARG A 249 -29.80 5.10 -9.50
N THR A 250 -29.68 5.80 -10.63
CA THR A 250 -28.38 6.36 -11.01
C THR A 250 -27.86 7.31 -9.94
N TRP A 251 -28.71 8.20 -9.43
CA TRP A 251 -28.21 9.20 -8.50
C TRP A 251 -27.70 8.57 -7.21
N GLN A 252 -28.37 7.52 -6.73
CA GLN A 252 -27.89 6.81 -5.55
C GLN A 252 -26.49 6.25 -5.77
N ILE A 253 -26.26 5.64 -6.93
CA ILE A 253 -24.95 5.06 -7.20
C ILE A 253 -23.88 6.15 -7.23
N ILE A 254 -24.10 7.21 -7.99
CA ILE A 254 -23.14 8.30 -8.06
C ILE A 254 -22.86 8.83 -6.67
N ASP A 255 -23.91 8.91 -5.84
CA ASP A 255 -23.77 9.45 -4.50
C ASP A 255 -22.92 8.56 -3.62
N MET A 256 -23.24 7.25 -3.58
CA MET A 256 -22.43 6.32 -2.79
C MET A 256 -20.97 6.38 -3.21
N VAL A 257 -20.72 6.39 -4.52
CA VAL A 257 -19.35 6.48 -5.02
C VAL A 257 -18.67 7.73 -4.47
N ALA A 258 -19.41 8.83 -4.42
CA ALA A 258 -18.85 10.09 -3.95
C ALA A 258 -18.51 10.04 -2.46
N GLU A 259 -19.40 9.48 -1.64
CA GLU A 259 -19.16 9.40 -0.20
C GLU A 259 -17.90 8.60 0.10
N ILE A 260 -17.85 7.37 -0.41
CA ILE A 260 -16.65 6.54 -0.34
C ILE A 260 -15.45 7.30 -0.87
N ALA A 261 -15.66 8.15 -1.88
CA ALA A 261 -14.54 8.88 -2.48
C ALA A 261 -13.89 9.79 -1.46
N LYS A 262 -14.67 10.70 -0.86
CA LYS A 262 -13.97 11.71 -0.08
C LYS A 262 -13.63 11.23 1.34
N GLU A 263 -14.31 10.21 1.88
CA GLU A 263 -13.81 9.66 3.14
C GLU A 263 -12.43 9.02 2.95
N ARG A 264 -12.21 8.35 1.82
CA ARG A 264 -10.87 7.86 1.54
C ARG A 264 -9.93 8.96 1.03
N GLY A 265 -10.38 10.21 0.94
CA GLY A 265 -9.51 11.26 0.48
C GLY A 265 -9.12 11.17 -0.97
N VAL A 266 -10.02 10.67 -1.81
CA VAL A 266 -9.76 10.36 -3.21
C VAL A 266 -10.95 10.80 -4.07
N SER A 267 -10.69 10.91 -5.38
CA SER A 267 -11.70 11.36 -6.34
C SER A 267 -12.82 10.32 -6.51
N ALA A 268 -14.00 10.82 -6.88
CA ALA A 268 -15.11 9.92 -7.17
C ALA A 268 -14.81 9.06 -8.38
N ALA A 269 -14.17 9.65 -9.40
CA ALA A 269 -13.65 8.85 -10.51
C ALA A 269 -12.79 7.70 -10.01
N GLN A 270 -11.94 7.98 -9.01
CA GLN A 270 -10.91 7.03 -8.61
C GLN A 270 -11.50 5.79 -7.92
N VAL A 271 -12.57 5.94 -7.15
CA VAL A 271 -13.11 4.70 -6.61
C VAL A 271 -14.00 3.99 -7.62
N ALA A 272 -14.60 4.70 -8.59
CA ALA A 272 -15.31 3.99 -9.66
C ALA A 272 -14.33 3.18 -10.52
N LEU A 273 -13.21 3.78 -10.88
CA LEU A 273 -12.16 3.04 -11.56
C LEU A 273 -11.67 1.85 -10.72
N ALA A 274 -11.37 2.07 -9.45
CA ALA A 274 -10.93 0.95 -8.63
C ALA A 274 -12.04 -0.07 -8.44
N TRP A 275 -13.29 0.31 -8.72
CA TRP A 275 -14.36 -0.68 -8.62
C TRP A 275 -14.35 -1.62 -9.83
N VAL A 276 -14.14 -1.07 -11.03
CA VAL A 276 -14.14 -1.91 -12.21
C VAL A 276 -12.94 -2.86 -12.21
N VAL A 277 -11.76 -2.35 -11.81
CA VAL A 277 -10.53 -3.14 -11.83
C VAL A 277 -10.61 -4.35 -10.92
N ALA A 278 -11.41 -4.30 -9.86
CA ALA A 278 -11.52 -5.41 -8.92
C ALA A 278 -12.72 -6.33 -9.17
N ARG A 279 -13.49 -6.15 -10.23
CA ARG A 279 -14.66 -7.02 -10.38
C ARG A 279 -14.26 -8.36 -11.03
N PRO A 280 -15.04 -9.42 -10.83
CA PRO A 280 -14.67 -10.73 -11.39
C PRO A 280 -14.41 -10.64 -12.89
N ALA A 281 -13.38 -11.36 -13.33
CA ALA A 281 -13.00 -11.67 -14.71
C ALA A 281 -12.32 -10.52 -15.43
N VAL A 282 -11.94 -9.46 -14.74
CA VAL A 282 -11.49 -8.24 -15.40
C VAL A 282 -9.97 -8.28 -15.51
N THR A 283 -9.46 -8.22 -16.74
CA THR A 283 -8.03 -8.11 -16.91
C THR A 283 -7.53 -6.66 -16.92
N ALA A 284 -8.20 -5.74 -17.63
CA ALA A 284 -7.66 -4.38 -17.72
C ALA A 284 -8.76 -3.42 -18.14
N VAL A 285 -8.81 -2.26 -17.47
CA VAL A 285 -9.81 -1.22 -17.76
C VAL A 285 -9.22 -0.22 -18.74
N ILE A 286 -10.03 0.18 -19.71
CA ILE A 286 -9.59 1.14 -20.71
C ILE A 286 -9.84 2.55 -20.18
N LEU A 287 -8.78 3.37 -20.19
CA LEU A 287 -8.83 4.74 -19.69
C LEU A 287 -9.00 5.71 -20.84
N GLY A 288 -10.00 6.60 -20.73
CA GLY A 288 -10.30 7.54 -21.77
C GLY A 288 -9.74 8.93 -21.55
N ALA A 289 -8.48 8.98 -21.12
CA ALA A 289 -7.87 10.27 -20.80
C ALA A 289 -7.78 11.15 -22.04
N ARG A 290 -8.37 12.34 -21.97
CA ARG A 290 -8.21 13.34 -23.02
C ARG A 290 -7.04 14.30 -22.77
N THR A 291 -6.59 14.43 -21.51
CA THR A 291 -5.54 15.38 -21.11
C THR A 291 -4.43 14.63 -20.39
N ARG A 292 -3.27 15.28 -20.23
CA ARG A 292 -2.27 14.70 -19.33
C ARG A 292 -2.78 14.68 -17.90
N GLU A 293 -3.46 15.75 -17.48
CA GLU A 293 -3.95 15.83 -16.12
C GLU A 293 -5.06 14.81 -15.87
N GLN A 294 -5.93 14.58 -16.86
CA GLN A 294 -6.97 13.57 -16.72
C GLN A 294 -6.38 12.18 -16.61
N LEU A 295 -5.28 11.92 -17.33
CA LEU A 295 -4.57 10.67 -17.19
C LEU A 295 -4.01 10.52 -15.77
N ALA A 296 -3.45 11.61 -15.23
CA ALA A 296 -3.00 11.60 -13.84
C ALA A 296 -4.17 11.40 -12.88
N ASP A 297 -5.29 12.05 -13.16
CA ASP A 297 -6.45 11.86 -12.30
C ASP A 297 -7.00 10.44 -12.38
N ASN A 298 -6.96 9.81 -13.56
CA ASN A 298 -7.44 8.45 -13.64
C ASN A 298 -6.44 7.49 -12.99
N LEU A 299 -5.14 7.67 -13.25
CA LEU A 299 -4.12 6.77 -12.71
C LEU A 299 -3.92 6.94 -11.21
N GLY A 300 -4.56 7.91 -10.58
CA GLY A 300 -4.57 7.93 -9.13
C GLY A 300 -5.29 6.73 -8.54
N ALA A 301 -6.20 6.13 -9.29
CA ALA A 301 -6.97 4.98 -8.82
C ALA A 301 -6.12 3.70 -8.64
N VAL A 302 -4.89 3.67 -9.16
CA VAL A 302 -3.99 2.55 -8.93
C VAL A 302 -3.70 2.40 -7.44
N ALA A 303 -3.43 3.53 -6.77
CA ALA A 303 -3.19 3.52 -5.33
C ALA A 303 -4.43 3.07 -4.53
N VAL A 304 -5.63 3.33 -5.04
CA VAL A 304 -6.83 2.98 -4.28
C VAL A 304 -7.11 1.49 -4.46
N THR A 305 -7.37 0.82 -3.34
CA THR A 305 -7.81 -0.57 -3.32
C THR A 305 -9.01 -0.62 -2.40
N LEU A 306 -10.19 -0.74 -2.96
CA LEU A 306 -11.38 -0.74 -2.14
C LEU A 306 -11.43 -1.97 -1.24
N SER A 307 -11.88 -1.77 0.01
CA SER A 307 -12.04 -2.85 0.95
C SER A 307 -13.28 -3.67 0.61
N THR A 308 -13.27 -4.93 1.05
CA THR A 308 -14.31 -5.90 0.68
C THR A 308 -15.71 -5.32 0.89
N GLU A 309 -15.79 -4.34 1.77
CA GLU A 309 -17.06 -3.76 2.18
C GLU A 309 -17.56 -2.61 1.33
N GLU A 310 -16.71 -1.63 1.13
CA GLU A 310 -16.96 -0.65 0.08
C GLU A 310 -17.48 -1.36 -1.15
N MET A 311 -16.82 -2.44 -1.57
CA MET A 311 -17.20 -3.04 -2.84
C MET A 311 -18.54 -3.74 -2.75
N GLU A 312 -18.78 -4.49 -1.68
CA GLU A 312 -20.07 -5.15 -1.61
C GLU A 312 -21.18 -4.13 -1.38
N ARG A 313 -20.85 -3.01 -0.74
CA ARG A 313 -21.71 -1.85 -0.81
C ARG A 313 -22.04 -1.48 -2.23
N LEU A 314 -21.01 -1.03 -2.94
CA LEU A 314 -21.17 -0.56 -4.30
C LEU A 314 -21.89 -1.59 -5.13
N ASN A 315 -21.62 -2.87 -4.88
CA ASN A 315 -22.22 -3.93 -5.70
C ASN A 315 -23.74 -3.89 -5.61
N ARG A 316 -24.28 -3.98 -4.38
CA ARG A 316 -25.71 -4.08 -4.15
C ARG A 316 -26.47 -2.81 -4.51
N VAL A 317 -25.82 -1.65 -4.43
CA VAL A 317 -26.52 -0.42 -4.80
C VAL A 317 -26.60 -0.28 -6.31
N SER A 318 -25.69 -0.93 -7.03
CA SER A 318 -25.74 -0.95 -8.49
C SER A 318 -26.27 -2.28 -9.01
N ALA A 319 -26.84 -3.10 -8.14
CA ALA A 319 -27.32 -4.42 -8.56
C ALA A 319 -28.43 -4.27 -9.61
N PRO A 320 -28.22 -4.78 -10.84
CA PRO A 320 -29.23 -4.56 -11.90
C PRO A 320 -30.49 -5.39 -11.69
N ALA A 321 -31.54 -4.78 -11.16
CA ALA A 321 -32.79 -5.50 -10.95
C ALA A 321 -33.46 -5.77 -12.29
N MET A 322 -34.04 -6.96 -12.42
CA MET A 322 -34.58 -7.40 -13.69
C MET A 322 -35.94 -8.06 -13.49
N ALA A 323 -36.72 -8.10 -14.56
CA ALA A 323 -37.97 -8.84 -14.56
C ALA A 323 -37.72 -10.26 -14.09
N ASP A 324 -38.56 -10.72 -13.18
CA ASP A 324 -38.20 -11.84 -12.32
C ASP A 324 -37.66 -13.05 -13.08
N TYR A 325 -38.10 -13.26 -14.34
CA TYR A 325 -37.96 -14.62 -14.86
C TYR A 325 -36.54 -15.01 -15.25
N PRO A 326 -35.93 -14.51 -16.34
CA PRO A 326 -34.66 -15.14 -16.72
C PRO A 326 -33.52 -14.61 -15.87
N TYR A 327 -33.48 -13.32 -15.52
CA TYR A 327 -32.25 -12.80 -14.93
C TYR A 327 -32.48 -12.04 -13.62
N GLY A 328 -33.64 -12.20 -12.97
CA GLY A 328 -33.87 -11.63 -11.66
C GLY A 328 -33.91 -12.68 -10.55
N GLU A 329 -34.19 -12.21 -9.33
CA GLU A 329 -34.13 -13.06 -8.13
C GLU A 329 -34.64 -14.47 -8.41
N ARG A 330 -35.87 -14.57 -8.89
CA ARG A 330 -36.55 -15.85 -8.81
C ARG A 330 -35.96 -16.84 -9.81
N GLY A 331 -35.65 -16.39 -11.03
CA GLY A 331 -35.07 -17.30 -11.98
C GLY A 331 -33.68 -17.73 -11.56
N VAL A 332 -32.88 -16.75 -11.13
CA VAL A 332 -31.59 -17.03 -10.52
C VAL A 332 -31.75 -18.07 -9.41
N SER A 333 -32.71 -17.85 -8.52
CA SER A 333 -32.85 -18.73 -7.35
C SER A 333 -33.23 -20.15 -7.76
N GLN A 334 -34.04 -20.31 -8.78
CA GLN A 334 -34.39 -21.66 -9.13
C GLN A 334 -33.32 -22.34 -9.99
N ARG A 335 -32.45 -21.58 -10.69
CA ARG A 335 -31.29 -22.18 -11.37
C ARG A 335 -30.23 -22.63 -10.38
N HIS A 336 -30.15 -21.96 -9.24
CA HIS A 336 -29.21 -22.34 -8.19
C HIS A 336 -29.49 -23.74 -7.68
N ARG A 337 -28.43 -24.46 -7.35
CA ARG A 337 -28.50 -25.79 -6.74
C ARG A 337 -27.90 -25.69 -5.33
N LYS A 338 -28.76 -25.81 -4.31
CA LYS A 338 -28.25 -25.86 -2.95
C LYS A 338 -27.51 -27.17 -2.77
N MET A 339 -26.30 -27.10 -2.19
CA MET A 339 -25.54 -28.33 -1.93
C MET A 339 -26.21 -29.21 -0.89
N ASP A 340 -27.12 -28.68 -0.08
CA ASP A 340 -27.73 -29.41 1.04
C ASP A 340 -28.96 -30.22 0.61
N GLU B 2 6.65 6.90 7.84
CA GLU B 2 5.20 6.81 7.87
C GLU B 2 4.73 6.32 9.27
N TYR B 3 3.42 6.42 9.55
CA TYR B 3 2.78 5.89 10.77
C TYR B 3 3.12 6.58 12.09
N ARG B 4 2.37 7.64 12.39
CA ARG B 4 2.42 8.30 13.68
C ARG B 4 1.63 7.57 14.77
N LYS B 5 2.20 7.58 15.99
CA LYS B 5 1.63 7.00 17.21
C LYS B 5 1.78 8.02 18.35
N LEU B 6 1.10 7.78 19.45
CA LEU B 6 1.30 8.55 20.67
C LEU B 6 2.19 7.77 21.66
N GLY B 7 2.67 8.47 22.67
CA GLY B 7 3.39 7.86 23.80
C GLY B 7 2.72 8.07 25.15
N ASN B 8 1.42 7.75 25.34
CA ASN B 8 0.67 8.07 26.58
C ASN B 8 0.60 9.58 26.84
N SER B 9 0.45 10.35 25.78
CA SER B 9 0.35 11.79 25.93
C SER B 9 -0.29 12.30 24.66
N GLY B 10 -0.45 13.62 24.57
CA GLY B 10 -1.02 14.16 23.36
C GLY B 10 -0.04 14.35 22.24
N THR B 11 1.25 14.21 22.52
CA THR B 11 2.27 14.40 21.51
C THR B 11 2.41 13.12 20.69
N VAL B 12 2.52 13.27 19.36
CA VAL B 12 2.65 12.12 18.47
C VAL B 12 4.05 12.08 17.87
N VAL B 13 4.53 10.85 17.68
CA VAL B 13 5.86 10.57 17.19
C VAL B 13 5.72 9.57 16.05
N THR B 14 6.74 9.52 15.21
CA THR B 14 6.75 8.54 14.14
C THR B 14 7.19 7.18 14.69
N SER B 15 6.78 6.10 14.00
CA SER B 15 6.98 4.76 14.56
C SER B 15 8.47 4.39 14.62
N TYR B 16 9.31 5.12 13.91
CA TYR B 16 10.75 4.91 13.96
C TYR B 16 11.38 6.16 14.52
N CYS B 17 12.29 5.98 15.45
CA CYS B 17 12.99 7.08 16.11
C CYS B 17 14.50 6.89 15.96
N LEU B 18 15.22 7.98 15.73
CA LEU B 18 16.65 7.92 15.44
C LEU B 18 17.45 7.96 16.75
N GLY B 19 18.18 6.87 17.02
CA GLY B 19 19.11 6.86 18.13
C GLY B 19 20.40 7.59 17.80
N THR B 20 21.05 8.11 18.82
CA THR B 20 22.29 8.83 18.59
C THR B 20 23.43 8.35 19.47
N MET B 21 23.31 7.17 20.08
CA MET B 21 24.41 6.56 20.81
C MET B 21 25.68 6.63 19.97
N THR B 22 25.53 6.26 18.71
CA THR B 22 26.57 6.03 17.73
C THR B 22 27.28 7.29 17.29
N PHE B 23 26.94 8.47 17.82
CA PHE B 23 27.27 9.66 17.05
C PHE B 23 28.75 10.03 17.16
N GLY B 24 29.24 10.42 18.33
CA GLY B 24 30.64 10.86 18.35
C GLY B 24 31.62 9.83 18.91
N GLN B 25 31.15 8.65 19.33
CA GLN B 25 32.08 7.55 19.59
C GLN B 25 32.54 6.91 18.29
N GLU B 26 31.58 6.57 17.42
CA GLU B 26 31.82 5.87 16.16
C GLU B 26 31.91 6.79 14.95
N THR B 27 30.98 7.72 14.81
CA THR B 27 30.83 8.53 13.59
C THR B 27 31.26 9.98 13.83
N ASP B 28 31.38 10.73 12.75
CA ASP B 28 31.74 12.14 12.89
C ASP B 28 30.48 13.00 12.80
N GLU B 29 30.63 14.26 13.22
CA GLU B 29 29.48 15.16 13.29
C GLU B 29 28.86 15.41 11.92
N ALA B 30 29.70 15.47 10.88
CA ALA B 30 29.18 15.70 9.55
C ALA B 30 28.24 14.57 9.13
N THR B 31 28.70 13.32 9.24
CA THR B 31 27.81 12.19 8.95
C THR B 31 26.60 12.19 9.86
N SER B 32 26.76 12.62 11.12
CA SER B 32 25.64 12.72 12.02
C SER B 32 24.57 13.66 11.49
N HIS B 33 24.96 14.90 11.15
CA HIS B 33 23.98 15.83 10.59
C HIS B 33 23.37 15.28 9.31
N LEU B 34 24.16 14.53 8.53
CA LEU B 34 23.63 14.01 7.28
C LEU B 34 22.67 12.85 7.52
N ILE B 35 23.03 11.92 8.42
CA ILE B 35 22.06 10.91 8.88
C ILE B 35 20.78 11.58 9.31
N MET B 36 20.88 12.59 10.17
CA MET B 36 19.70 13.24 10.70
C MET B 36 18.89 13.90 9.59
N ASP B 37 19.56 14.52 8.62
CA ASP B 37 18.82 15.20 7.55
C ASP B 37 18.00 14.20 6.75
N ASP B 38 18.54 13.01 6.51
CA ASP B 38 17.82 12.01 5.73
C ASP B 38 16.62 11.51 6.51
N TYR B 39 16.81 11.24 7.80
CA TYR B 39 15.72 10.84 8.67
C TYR B 39 14.52 11.76 8.49
N ILE B 40 14.75 13.08 8.58
CA ILE B 40 13.66 14.04 8.42
C ILE B 40 13.06 13.95 7.03
N LYS B 41 13.92 13.84 6.01
CA LYS B 41 13.41 13.70 4.65
C LYS B 41 12.64 12.40 4.48
N ALA B 42 12.95 11.39 5.28
CA ALA B 42 12.11 10.21 5.34
C ALA B 42 10.86 10.41 6.20
N GLY B 43 10.69 11.58 6.81
CA GLY B 43 9.47 11.90 7.51
C GLY B 43 9.43 11.66 9.01
N GLY B 44 10.60 11.46 9.64
CA GLY B 44 10.62 11.28 11.08
C GLY B 44 10.43 12.57 11.84
N ASN B 45 10.12 12.44 13.13
CA ASN B 45 10.12 13.60 14.03
C ASN B 45 10.62 13.29 15.43
N PHE B 46 11.38 12.21 15.62
CA PHE B 46 11.66 11.75 16.98
C PHE B 46 13.12 11.31 17.08
N ILE B 47 13.91 12.03 17.87
CA ILE B 47 15.34 11.74 18.06
C ILE B 47 15.62 11.46 19.54
N ASP B 48 16.30 10.34 19.81
CA ASP B 48 16.62 9.92 21.18
C ASP B 48 18.12 10.07 21.43
N THR B 49 18.49 10.83 22.47
CA THR B 49 19.90 10.93 22.82
C THR B 49 20.08 10.63 24.32
N ALA B 50 21.28 10.88 24.85
CA ALA B 50 21.59 10.63 26.25
C ALA B 50 22.85 11.40 26.60
N ASN B 51 22.89 11.93 27.83
CA ASN B 51 24.05 12.70 28.27
C ASN B 51 25.31 11.85 28.28
N VAL B 52 25.19 10.59 28.71
CA VAL B 52 26.36 9.72 28.76
C VAL B 52 26.80 9.22 27.39
N TYR B 53 26.04 9.50 26.32
CA TYR B 53 26.43 9.08 24.97
C TYR B 53 27.61 9.94 24.55
N SER B 54 28.81 9.39 24.76
CA SER B 54 30.08 10.08 24.49
C SER B 54 30.16 11.39 25.26
N ALA B 55 29.95 11.31 26.58
CA ALA B 55 30.13 12.45 27.48
C ALA B 55 29.41 13.70 26.98
N GLY B 56 28.16 13.53 26.54
CA GLY B 56 27.32 14.65 26.21
C GLY B 56 27.59 15.31 24.88
N VAL B 57 28.60 14.86 24.15
CA VAL B 57 28.87 15.53 22.88
C VAL B 57 27.79 15.16 21.87
N SER B 58 27.20 13.97 21.98
CA SER B 58 26.09 13.61 21.10
C SER B 58 24.93 14.57 21.26
N GLU B 59 24.64 14.99 22.50
CA GLU B 59 23.63 16.01 22.72
C GLU B 59 24.00 17.35 22.06
N GLU B 60 25.28 17.75 22.07
CA GLU B 60 25.55 19.02 21.39
C GLU B 60 25.62 18.86 19.87
N ILE B 61 25.91 17.65 19.37
CA ILE B 61 25.75 17.35 17.94
C ILE B 61 24.30 17.57 17.53
N VAL B 62 23.37 16.95 18.27
CA VAL B 62 21.96 17.22 18.02
C VAL B 62 21.67 18.69 18.29
N GLY B 63 22.36 19.26 19.30
CA GLY B 63 22.14 20.64 19.63
C GLY B 63 22.50 21.58 18.51
N ARG B 64 23.67 21.38 17.89
CA ARG B 64 24.00 22.28 16.79
C ARG B 64 23.17 21.97 15.55
N TRP B 65 22.81 20.70 15.35
CA TRP B 65 21.88 20.38 14.26
C TRP B 65 20.56 21.11 14.41
N LEU B 66 20.11 21.31 15.64
CA LEU B 66 18.85 22.02 15.85
C LEU B 66 18.98 23.53 15.75
N LYS B 67 20.18 24.11 16.00
CA LYS B 67 20.36 25.55 15.96
C LYS B 67 20.41 26.06 14.52
N ALA B 68 21.20 25.39 13.67
CA ALA B 68 20.90 25.32 12.26
C ALA B 68 19.57 24.58 12.08
N ARG B 69 18.95 24.72 10.92
CA ARG B 69 17.67 24.05 10.70
C ARG B 69 16.63 24.40 11.77
N PRO B 70 16.13 25.65 11.81
CA PRO B 70 15.07 26.04 12.75
C PRO B 70 13.67 25.91 12.14
N GLN B 75 8.49 20.32 13.35
CA GLN B 75 9.18 20.36 14.63
C GLN B 75 9.41 18.93 15.10
N VAL B 76 10.55 18.67 15.74
CA VAL B 76 10.92 17.31 16.13
C VAL B 76 10.84 17.14 17.64
N VAL B 77 10.58 15.90 18.05
CA VAL B 77 10.46 15.51 19.45
C VAL B 77 11.81 14.96 19.91
N VAL B 78 12.35 15.57 20.96
CA VAL B 78 13.71 15.32 21.42
C VAL B 78 13.66 14.64 22.78
N ALA B 79 14.39 13.54 22.91
CA ALA B 79 14.47 12.78 24.14
C ALA B 79 15.92 12.67 24.58
N THR B 80 16.17 12.79 25.88
CA THR B 80 17.49 12.49 26.45
C THR B 80 17.34 11.86 27.84
N LYS B 81 18.47 11.45 28.43
CA LYS B 81 18.48 10.71 29.69
C LYS B 81 19.44 11.33 30.70
N GLY B 82 19.36 10.86 31.95
CA GLY B 82 20.21 11.47 32.95
C GLY B 82 20.76 10.63 34.10
N ARG B 83 20.75 9.32 33.99
CA ARG B 83 21.02 8.54 35.19
C ARG B 83 22.49 8.14 35.35
N PHE B 84 23.25 7.99 34.31
CA PHE B 84 24.54 7.31 34.43
C PHE B 84 25.69 8.31 34.58
N PRO B 85 26.91 7.83 35.03
CA PRO B 85 28.03 8.75 35.33
C PRO B 85 28.41 9.72 34.22
N MET B 86 28.40 11.01 34.56
CA MET B 86 29.01 12.04 33.75
C MET B 86 30.41 12.39 34.25
N GLY B 87 30.76 11.95 35.45
CA GLY B 87 32.10 11.95 35.99
C GLY B 87 32.27 10.70 36.83
N ALA B 88 33.41 10.60 37.49
CA ALA B 88 33.66 9.47 38.39
C ALA B 88 33.21 9.77 39.81
N GLY B 89 32.51 10.88 40.03
CA GLY B 89 32.12 11.33 41.34
C GLY B 89 31.01 10.48 41.94
N PRO B 90 30.86 10.56 43.27
CA PRO B 90 29.81 9.76 43.92
C PRO B 90 28.40 10.31 43.71
N ASN B 91 28.27 11.60 43.36
CA ASN B 91 26.99 12.23 43.02
C ASN B 91 27.02 12.79 41.60
N ASP B 92 27.81 12.20 40.73
CA ASP B 92 27.73 12.42 39.31
C ASP B 92 26.93 11.33 38.62
N LEU B 93 26.26 10.47 39.40
CA LEU B 93 25.60 9.32 38.81
C LEU B 93 24.26 8.90 39.44
N GLY B 94 23.68 9.66 40.36
CA GLY B 94 22.44 9.17 40.95
C GLY B 94 21.20 9.63 40.20
N LEU B 95 20.04 9.13 40.65
CA LEU B 95 18.79 9.83 40.40
C LEU B 95 18.43 10.80 41.54
N SER B 96 19.41 11.21 42.35
CA SER B 96 19.22 12.28 43.32
C SER B 96 18.72 13.54 42.62
N ARG B 97 18.08 14.40 43.39
CA ARG B 97 17.73 15.69 42.82
C ARG B 97 18.96 16.60 42.71
N THR B 98 19.96 16.45 43.59
CA THR B 98 21.18 17.25 43.41
C THR B 98 21.85 16.93 42.08
N ASN B 99 21.92 15.64 41.71
CA ASN B 99 22.62 15.30 40.47
C ASN B 99 21.74 15.52 39.25
N LEU B 100 20.47 15.09 39.30
CA LEU B 100 19.55 15.31 38.19
C LEU B 100 19.39 16.79 37.86
N ASN B 101 19.44 17.65 38.89
CA ASN B 101 19.38 19.08 38.66
C ASN B 101 20.48 19.55 37.72
N ARG B 102 21.74 19.34 38.09
CA ARG B 102 22.80 19.71 37.19
C ARG B 102 22.75 18.86 35.92
N ALA B 103 22.28 17.61 36.01
CA ALA B 103 22.27 16.75 34.85
C ALA B 103 21.26 17.23 33.82
N LEU B 104 20.07 17.62 34.29
CA LEU B 104 19.08 18.19 33.38
C LEU B 104 19.57 19.49 32.77
N ASN B 105 20.22 20.33 33.58
CA ASN B 105 20.65 21.65 33.09
C ASN B 105 21.79 21.51 32.08
N ASP B 106 22.68 20.56 32.28
CA ASP B 106 23.74 20.35 31.29
C ASP B 106 23.16 19.86 29.97
N SER B 107 22.16 18.97 30.02
CA SER B 107 21.53 18.49 28.78
C SER B 107 20.86 19.65 28.04
N LEU B 108 20.13 20.50 28.77
CA LEU B 108 19.51 21.66 28.14
C LEU B 108 20.57 22.62 27.62
N ARG B 109 21.68 22.73 28.33
CA ARG B 109 22.75 23.65 27.95
C ARG B 109 23.35 23.26 26.61
N ARG B 110 23.69 21.99 26.46
CA ARG B 110 24.31 21.60 25.21
C ARG B 110 23.31 21.16 24.15
N LEU B 111 22.06 20.91 24.51
CA LEU B 111 21.07 20.79 23.46
C LEU B 111 20.57 22.14 23.00
N GLY B 112 20.75 23.18 23.82
CA GLY B 112 20.35 24.52 23.41
C GLY B 112 18.86 24.67 23.28
N VAL B 113 18.08 23.88 24.03
CA VAL B 113 16.63 23.96 24.02
C VAL B 113 16.17 24.62 25.31
N GLU B 114 14.97 25.19 25.27
CA GLU B 114 14.35 25.75 26.46
C GLU B 114 13.45 24.75 27.17
N GLN B 115 13.10 23.65 26.50
CA GLN B 115 12.31 22.59 27.12
C GLN B 115 12.60 21.29 26.39
N ILE B 116 12.99 20.27 27.14
CA ILE B 116 13.13 18.93 26.61
C ILE B 116 11.75 18.29 26.53
N ASP B 117 11.43 17.68 25.40
CA ASP B 117 10.11 17.10 25.28
C ASP B 117 9.98 15.89 26.20
N LEU B 118 10.93 14.96 26.14
CA LEU B 118 10.92 13.72 26.91
C LEU B 118 12.23 13.57 27.68
N TYR B 119 12.15 13.46 28.99
CA TYR B 119 13.33 13.28 29.83
C TYR B 119 13.23 11.92 30.50
N GLN B 120 14.17 11.03 30.22
CA GLN B 120 14.07 9.63 30.64
C GLN B 120 15.08 9.31 31.74
N MET B 121 14.63 8.55 32.75
CA MET B 121 15.52 7.99 33.77
C MET B 121 16.25 6.80 33.17
N HIS B 122 17.59 6.91 33.02
CA HIS B 122 18.32 5.90 32.24
C HIS B 122 18.25 4.54 32.89
N ALA B 123 18.12 4.49 34.21
CA ALA B 123 17.95 3.23 34.91
C ALA B 123 17.46 3.53 36.31
N TRP B 124 16.83 2.52 36.91
CA TRP B 124 16.48 2.52 38.33
C TRP B 124 17.67 2.99 39.18
N ASP B 125 17.37 3.71 40.26
CA ASP B 125 18.35 4.08 41.28
C ASP B 125 17.73 3.69 42.63
N ALA B 126 18.16 2.55 43.18
CA ALA B 126 17.69 2.08 44.46
C ALA B 126 18.24 2.89 45.63
N VAL B 127 19.31 3.65 45.41
CA VAL B 127 19.80 4.53 46.48
C VAL B 127 18.84 5.71 46.66
N THR B 128 18.39 6.30 45.56
CA THR B 128 17.52 7.46 45.64
C THR B 128 16.08 6.99 45.85
N PRO B 129 15.40 7.44 46.89
CA PRO B 129 13.96 7.19 46.99
C PRO B 129 13.23 7.65 45.73
N ILE B 130 12.18 6.91 45.37
CA ILE B 130 11.46 7.23 44.13
C ILE B 130 10.69 8.55 44.25
N GLU B 131 10.15 8.86 45.45
CA GLU B 131 9.47 10.14 45.68
C GLU B 131 10.39 11.32 45.42
N GLU B 132 11.67 11.18 45.70
CA GLU B 132 12.59 12.28 45.46
C GLU B 132 12.75 12.52 43.95
N THR B 133 12.87 11.44 43.18
CA THR B 133 13.00 11.61 41.73
C THR B 133 11.72 12.20 41.16
N LEU B 134 10.57 11.60 41.48
CA LEU B 134 9.31 12.05 40.89
C LEU B 134 9.02 13.51 41.25
N ARG B 135 9.28 13.90 42.50
CA ARG B 135 9.11 15.30 42.89
C ARG B 135 10.02 16.23 42.08
N PHE B 136 11.24 15.81 41.76
CA PHE B 136 12.10 16.66 40.94
C PHE B 136 11.55 16.76 39.52
N LEU B 137 11.11 15.63 38.95
CA LEU B 137 10.57 15.65 37.60
C LEU B 137 9.33 16.54 37.52
N ASP B 138 8.55 16.58 38.60
CA ASP B 138 7.35 17.40 38.60
C ASP B 138 7.70 18.89 38.65
N ASP B 139 8.60 19.27 39.55
CA ASP B 139 9.14 20.63 39.54
C ASP B 139 9.74 20.99 38.18
N ALA B 140 10.42 20.04 37.54
CA ALA B 140 10.97 20.33 36.23
C ALA B 140 9.86 20.57 35.20
N VAL B 141 8.71 19.88 35.32
CA VAL B 141 7.59 20.13 34.43
C VAL B 141 6.94 21.47 34.78
N SER B 142 6.73 21.73 36.07
CA SER B 142 6.13 22.98 36.48
C SER B 142 6.97 24.18 36.03
N ALA B 143 8.28 24.01 35.92
CA ALA B 143 9.11 25.11 35.47
C ALA B 143 9.21 25.22 33.94
N GLY B 144 8.72 24.24 33.18
CA GLY B 144 8.92 24.27 31.74
C GLY B 144 10.26 23.75 31.24
N LYS B 145 11.15 23.27 32.11
CA LYS B 145 12.35 22.59 31.63
C LYS B 145 12.02 21.29 30.89
N ILE B 146 10.90 20.66 31.26
CA ILE B 146 10.57 19.29 30.89
C ILE B 146 9.14 19.32 30.41
N ALA B 147 8.83 18.56 29.36
CA ALA B 147 7.42 18.29 29.09
C ALA B 147 6.97 16.98 29.73
N TYR B 148 7.71 15.90 29.47
CA TYR B 148 7.31 14.58 29.93
C TYR B 148 8.51 13.84 30.48
N TYR B 149 8.23 12.82 31.28
CA TYR B 149 9.27 11.95 31.77
C TYR B 149 8.91 10.50 31.48
N GLY B 150 9.93 9.67 31.34
CA GLY B 150 9.76 8.25 31.18
C GLY B 150 10.95 7.52 31.78
N PHE B 151 10.95 6.21 31.60
CA PHE B 151 12.00 5.40 32.15
C PHE B 151 12.70 4.59 31.07
N SER B 152 13.88 4.11 31.44
CA SER B 152 14.61 3.09 30.73
C SER B 152 15.20 2.19 31.81
N ASN B 153 15.18 0.89 31.58
CA ASN B 153 15.78 -0.06 32.52
C ASN B 153 15.14 0.04 33.91
N TYR B 154 13.82 -0.06 33.92
CA TYR B 154 13.05 -0.20 35.14
C TYR B 154 12.45 -1.60 35.13
N LEU B 155 12.34 -2.18 36.32
CA LEU B 155 11.62 -3.44 36.47
C LEU B 155 10.11 -3.17 36.52
N GLY B 156 9.34 -4.24 36.29
CA GLY B 156 7.89 -4.13 36.26
C GLY B 156 7.32 -3.53 37.54
N TRP B 157 7.75 -4.05 38.69
CA TRP B 157 7.22 -3.50 39.93
C TRP B 157 7.67 -2.07 40.15
N GLN B 158 8.81 -1.71 39.58
CA GLN B 158 9.33 -0.36 39.79
C GLN B 158 8.54 0.66 39.00
N VAL B 159 8.22 0.28 37.75
CA VAL B 159 7.30 1.05 36.92
C VAL B 159 6.00 1.25 37.64
N THR B 160 5.42 0.13 38.10
CA THR B 160 4.16 0.20 38.83
C THR B 160 4.26 1.17 40.01
N LYS B 161 5.35 1.09 40.77
CA LYS B 161 5.43 1.89 41.99
C LYS B 161 5.57 3.38 41.66
N ALA B 162 6.28 3.70 40.57
CA ALA B 162 6.36 5.10 40.17
C ALA B 162 4.99 5.61 39.75
N VAL B 163 4.30 4.86 38.89
CA VAL B 163 3.01 5.30 38.40
C VAL B 163 2.07 5.63 39.55
N HIS B 164 1.97 4.74 40.54
CA HIS B 164 1.02 4.99 41.61
C HIS B 164 1.49 6.04 42.60
N VAL B 165 2.78 6.09 42.90
CA VAL B 165 3.28 7.20 43.71
C VAL B 165 3.07 8.52 43.00
N ALA B 166 3.22 8.54 41.67
CA ALA B 166 2.98 9.81 40.96
C ALA B 166 1.50 10.22 41.03
N ARG B 167 0.57 9.26 40.86
CA ARG B 167 -0.86 9.57 40.95
C ARG B 167 -1.26 9.95 42.37
N ALA B 168 -0.58 9.38 43.38
CA ALA B 168 -0.89 9.73 44.78
C ALA B 168 -0.45 11.15 45.14
N ASN B 169 0.56 11.70 44.47
CA ASN B 169 0.97 13.06 44.77
C ASN B 169 0.50 14.08 43.74
N HIS B 170 -0.43 13.70 42.88
CA HIS B 170 -0.95 14.60 41.83
C HIS B 170 0.14 15.03 40.85
N TRP B 171 1.17 14.19 40.65
CA TRP B 171 2.18 14.50 39.64
C TRP B 171 1.80 13.91 38.27
N THR B 172 2.45 14.42 37.23
CA THR B 172 2.19 13.91 35.89
C THR B 172 2.62 12.44 35.80
N ALA B 173 2.03 11.73 34.84
CA ALA B 173 2.27 10.30 34.67
C ALA B 173 3.51 10.05 33.82
N PRO B 174 4.19 8.92 34.04
CA PRO B 174 5.22 8.51 33.07
C PRO B 174 4.58 8.29 31.71
N VAL B 175 5.23 8.78 30.66
CA VAL B 175 4.67 8.49 29.36
C VAL B 175 5.22 7.19 28.78
N THR B 176 6.46 6.83 29.11
CA THR B 176 7.15 5.89 28.25
C THR B 176 8.16 5.07 29.05
N LEU B 177 8.54 3.95 28.50
CA LEU B 177 9.67 3.19 29.01
C LEU B 177 10.48 2.75 27.80
N GLN B 178 11.82 2.87 27.90
CA GLN B 178 12.71 2.46 26.82
C GLN B 178 13.44 1.17 27.19
N PRO B 179 12.92 0.02 26.79
CA PRO B 179 13.58 -1.25 27.08
C PRO B 179 14.47 -1.74 25.95
N GLN B 180 15.18 -2.82 26.25
CA GLN B 180 15.89 -3.57 25.22
C GLN B 180 14.95 -4.64 24.73
N TYR B 181 14.65 -4.63 23.43
CA TYR B 181 13.55 -5.44 22.93
C TYR B 181 13.81 -5.76 21.47
N ASN B 182 13.74 -7.05 21.15
CA ASN B 182 14.00 -7.64 19.85
C ASN B 182 13.74 -9.14 20.03
N LEU B 183 13.70 -9.86 18.90
CA LEU B 183 13.34 -11.28 18.92
C LEU B 183 14.21 -12.12 19.84
N LEU B 184 15.45 -11.67 20.13
CA LEU B 184 16.35 -12.41 21.01
C LEU B 184 16.23 -12.02 22.48
N VAL B 185 15.80 -10.81 22.75
CA VAL B 185 15.65 -10.33 24.12
C VAL B 185 14.19 -9.96 24.28
N ARG B 186 13.39 -10.91 24.78
CA ARG B 186 11.95 -10.71 24.93
C ARG B 186 11.49 -10.85 26.37
N ASP B 187 12.40 -10.70 27.34
CA ASP B 187 12.04 -11.06 28.71
C ASP B 187 11.23 -9.99 29.42
N ILE B 188 11.12 -8.79 28.82
CA ILE B 188 10.25 -7.76 29.37
C ILE B 188 8.79 -8.14 29.35
N GLU B 189 8.40 -9.20 28.63
CA GLU B 189 6.99 -9.54 28.52
C GLU B 189 6.42 -10.12 29.81
N HIS B 190 7.26 -10.56 30.75
CA HIS B 190 6.74 -11.21 31.96
C HIS B 190 6.25 -10.18 32.98
N GLU B 191 6.99 -9.12 33.19
CA GLU B 191 6.53 -8.13 34.17
C GLU B 191 6.48 -6.74 33.59
N ILE B 192 7.46 -6.37 32.77
CA ILE B 192 7.61 -4.99 32.34
C ILE B 192 6.41 -4.55 31.50
N VAL B 193 6.14 -5.27 30.40
CA VAL B 193 5.08 -4.85 29.48
C VAL B 193 3.72 -4.87 30.15
N PRO B 194 3.30 -5.93 30.86
CA PRO B 194 2.02 -5.84 31.55
C PRO B 194 1.97 -4.65 32.49
N ALA B 195 3.07 -4.35 33.18
CA ALA B 195 3.05 -3.18 34.05
C ALA B 195 2.89 -1.89 33.22
N CYS B 196 3.51 -1.87 32.04
CA CYS B 196 3.43 -0.68 31.21
C CYS B 196 2.04 -0.52 30.60
N GLN B 197 1.39 -1.64 30.25
CA GLN B 197 0.07 -1.54 29.63
C GLN B 197 -0.99 -1.13 30.63
N ASP B 198 -0.88 -1.64 31.86
CA ASP B 198 -1.80 -1.21 32.92
C ASP B 198 -1.76 0.29 33.11
N ALA B 199 -0.58 0.91 32.97
CA ALA B 199 -0.41 2.35 33.10
C ALA B 199 -0.54 3.11 31.79
N ALA B 200 -0.98 2.46 30.71
CA ALA B 200 -1.16 3.10 29.40
C ALA B 200 0.14 3.67 28.85
N MET B 201 1.28 3.17 29.29
CA MET B 201 2.55 3.67 28.77
C MET B 201 2.91 2.96 27.47
N GLY B 202 3.69 3.64 26.64
CA GLY B 202 4.19 2.96 25.48
C GLY B 202 5.64 2.54 25.62
N LEU B 203 6.07 1.59 24.82
CA LEU B 203 7.43 1.09 24.82
C LEU B 203 8.24 1.78 23.71
N LEU B 204 9.48 2.16 24.03
CA LEU B 204 10.44 2.62 23.04
C LEU B 204 11.54 1.55 22.95
N PRO B 205 11.37 0.52 22.12
CA PRO B 205 12.42 -0.51 22.01
C PRO B 205 13.67 0.06 21.35
N TRP B 206 14.80 -0.17 22.00
CA TRP B 206 16.08 0.01 21.36
C TRP B 206 16.76 -1.37 21.29
N SER B 207 17.85 -1.43 20.49
CA SER B 207 18.53 -2.65 20.08
C SER B 207 17.59 -3.61 19.34
N PRO B 208 16.88 -3.15 18.31
CA PRO B 208 15.87 -4.02 17.68
C PRO B 208 16.45 -5.11 16.80
N LEU B 209 17.67 -4.96 16.30
CA LEU B 209 18.34 -6.03 15.58
C LEU B 209 19.32 -6.80 16.47
N GLY B 210 19.16 -6.70 17.79
CA GLY B 210 20.03 -7.40 18.71
C GLY B 210 21.48 -7.02 18.62
N GLY B 211 21.78 -5.75 18.35
CA GLY B 211 23.16 -5.33 18.19
C GLY B 211 23.85 -5.88 16.96
N GLY B 212 23.10 -6.41 16.00
CA GLY B 212 23.64 -6.94 14.76
C GLY B 212 23.32 -8.39 14.51
N TRP B 213 23.18 -9.18 15.58
CA TRP B 213 23.00 -10.61 15.42
C TRP B 213 21.72 -10.99 14.64
N LEU B 214 20.77 -10.07 14.46
CA LEU B 214 19.57 -10.34 13.66
C LEU B 214 19.58 -9.64 12.32
N ALA B 215 20.65 -8.90 12.01
CA ALA B 215 20.86 -8.31 10.71
C ALA B 215 21.93 -9.04 9.90
N GLY B 216 22.21 -10.30 10.23
CA GLY B 216 23.19 -11.09 9.51
C GLY B 216 24.60 -10.52 9.59
N ARG B 249 16.39 -21.90 20.48
CA ARG B 249 17.77 -21.53 20.21
C ARG B 249 17.80 -20.23 19.43
N THR B 250 18.93 -19.54 19.47
CA THR B 250 18.97 -18.26 18.78
C THR B 250 19.09 -18.44 17.27
N TRP B 251 19.89 -19.42 16.80
CA TRP B 251 20.04 -19.57 15.35
C TRP B 251 18.73 -20.01 14.69
N GLN B 252 17.85 -20.70 15.42
CA GLN B 252 16.51 -20.95 14.90
C GLN B 252 15.79 -19.63 14.57
N ILE B 253 15.91 -18.65 15.47
CA ILE B 253 15.28 -17.35 15.26
C ILE B 253 15.94 -16.62 14.10
N ILE B 254 17.27 -16.71 13.99
CA ILE B 254 18.00 -16.10 12.88
C ILE B 254 17.50 -16.64 11.56
N ASP B 255 17.50 -17.97 11.42
CA ASP B 255 17.04 -18.61 10.20
C ASP B 255 15.62 -18.20 9.85
N MET B 256 14.72 -18.19 10.83
CA MET B 256 13.33 -17.86 10.54
C MET B 256 13.18 -16.44 10.01
N VAL B 257 13.90 -15.49 10.60
CA VAL B 257 13.83 -14.11 10.13
C VAL B 257 14.37 -14.01 8.71
N ALA B 258 15.47 -14.69 8.44
CA ALA B 258 16.01 -14.72 7.08
C ALA B 258 15.02 -15.35 6.10
N GLU B 259 14.39 -16.47 6.49
CA GLU B 259 13.43 -17.15 5.61
C GLU B 259 12.31 -16.20 5.18
N ILE B 260 11.75 -15.44 6.13
CA ILE B 260 10.72 -14.47 5.81
C ILE B 260 11.29 -13.35 4.96
N ALA B 261 12.55 -12.99 5.20
CA ALA B 261 13.19 -11.97 4.40
C ALA B 261 13.30 -12.41 2.95
N LYS B 262 13.75 -13.64 2.70
CA LYS B 262 13.99 -14.08 1.32
C LYS B 262 12.68 -14.36 0.58
N GLU B 263 11.65 -14.86 1.27
CA GLU B 263 10.37 -15.07 0.61
C GLU B 263 9.64 -13.76 0.34
N ARG B 264 10.04 -12.68 1.00
CA ARG B 264 9.46 -11.37 0.76
C ARG B 264 10.34 -10.50 -0.11
N GLY B 265 11.60 -10.87 -0.33
CA GLY B 265 12.46 -10.01 -1.11
C GLY B 265 12.96 -8.82 -0.33
N VAL B 266 13.10 -8.97 0.98
CA VAL B 266 13.51 -7.92 1.91
C VAL B 266 14.77 -8.36 2.64
N SER B 267 15.38 -7.42 3.36
CA SER B 267 16.51 -7.73 4.22
C SER B 267 16.04 -8.35 5.52
N ALA B 268 16.91 -9.17 6.14
CA ALA B 268 16.61 -9.73 7.45
C ALA B 268 16.53 -8.63 8.51
N ALA B 269 17.37 -7.60 8.38
CA ALA B 269 17.24 -6.43 9.25
C ALA B 269 15.85 -5.83 9.15
N GLN B 270 15.33 -5.71 7.92
CA GLN B 270 14.03 -5.09 7.71
C GLN B 270 12.90 -5.92 8.32
N VAL B 271 12.99 -7.25 8.23
CA VAL B 271 11.94 -8.08 8.83
C VAL B 271 11.97 -7.96 10.36
N ALA B 272 13.15 -8.05 10.96
CA ALA B 272 13.27 -7.95 12.41
C ALA B 272 12.73 -6.61 12.92
N LEU B 273 13.07 -5.51 12.23
CA LEU B 273 12.53 -4.20 12.58
C LEU B 273 11.01 -4.17 12.47
N ALA B 274 10.47 -4.71 11.38
CA ALA B 274 9.02 -4.70 11.26
C ALA B 274 8.37 -5.55 12.34
N TRP B 275 9.14 -6.47 12.95
CA TRP B 275 8.56 -7.28 14.01
C TRP B 275 8.42 -6.47 15.30
N VAL B 276 9.46 -5.71 15.66
CA VAL B 276 9.42 -4.91 16.88
C VAL B 276 8.37 -3.80 16.76
N VAL B 277 8.35 -3.08 15.64
CA VAL B 277 7.43 -1.96 15.45
C VAL B 277 5.97 -2.40 15.50
N ALA B 278 5.67 -3.68 15.36
CA ALA B 278 4.30 -4.14 15.37
C ALA B 278 3.88 -4.84 16.66
N ARG B 279 4.79 -4.99 17.63
CA ARG B 279 4.46 -5.72 18.85
C ARG B 279 3.66 -4.84 19.83
N PRO B 280 2.91 -5.45 20.75
CA PRO B 280 2.04 -4.67 21.63
C PRO B 280 2.79 -3.63 22.46
N ALA B 281 2.11 -2.49 22.69
CA ALA B 281 2.52 -1.38 23.56
C ALA B 281 3.72 -0.61 23.03
N VAL B 282 4.06 -0.77 21.76
CA VAL B 282 5.25 -0.15 21.18
C VAL B 282 4.83 1.15 20.51
N THR B 283 5.48 2.24 20.90
CA THR B 283 5.17 3.51 20.23
C THR B 283 6.15 3.85 19.13
N ALA B 284 7.43 3.52 19.31
CA ALA B 284 8.46 3.85 18.33
C ALA B 284 9.75 3.07 18.60
N VAL B 285 10.34 2.46 17.58
CA VAL B 285 11.57 1.71 17.74
C VAL B 285 12.75 2.63 17.44
N ILE B 286 13.77 2.57 18.27
CA ILE B 286 14.95 3.41 18.10
C ILE B 286 15.95 2.70 17.20
N LEU B 287 16.43 3.41 16.18
CA LEU B 287 17.39 2.90 15.21
C LEU B 287 18.78 3.45 15.48
N GLY B 288 19.73 2.55 15.71
CA GLY B 288 21.10 2.97 15.92
C GLY B 288 21.90 3.01 14.63
N ALA B 289 21.35 3.67 13.61
CA ALA B 289 22.02 3.78 12.32
C ALA B 289 23.39 4.44 12.46
N ARG B 290 24.44 3.73 12.04
CA ARG B 290 25.80 4.25 12.13
C ARG B 290 26.22 5.01 10.88
N THR B 291 25.71 4.63 9.71
CA THR B 291 25.99 5.36 8.48
C THR B 291 24.67 5.69 7.80
N ARG B 292 24.74 6.67 6.89
CA ARG B 292 23.58 7.01 6.06
C ARG B 292 23.00 5.78 5.39
N GLU B 293 23.87 4.96 4.80
CA GLU B 293 23.44 3.77 4.09
C GLU B 293 22.67 2.82 5.01
N GLN B 294 23.14 2.66 6.25
CA GLN B 294 22.42 1.84 7.21
C GLN B 294 21.08 2.48 7.61
N LEU B 295 21.03 3.81 7.70
CA LEU B 295 19.75 4.47 7.93
C LEU B 295 18.75 4.08 6.85
N ALA B 296 19.17 4.11 5.58
CA ALA B 296 18.29 3.67 4.50
C ALA B 296 18.04 2.16 4.56
N ASP B 297 19.06 1.37 4.91
CA ASP B 297 18.82 -0.06 5.08
C ASP B 297 17.70 -0.32 6.08
N ASN B 298 17.68 0.44 7.18
CA ASN B 298 16.69 0.18 8.22
C ASN B 298 15.33 0.77 7.88
N LEU B 299 15.28 1.98 7.33
CA LEU B 299 13.99 2.58 6.96
C LEU B 299 13.34 1.86 5.79
N GLY B 300 14.02 0.89 5.18
CA GLY B 300 13.35 0.02 4.23
C GLY B 300 12.23 -0.78 4.88
N ALA B 301 12.37 -1.07 6.17
CA ALA B 301 11.33 -1.77 6.93
C ALA B 301 10.05 -0.95 7.13
N VAL B 302 10.08 0.35 6.81
CA VAL B 302 8.88 1.17 6.90
C VAL B 302 7.79 0.64 5.98
N ALA B 303 8.18 0.24 4.76
CA ALA B 303 7.21 -0.23 3.77
C ALA B 303 6.77 -1.67 4.04
N VAL B 304 7.59 -2.44 4.75
CA VAL B 304 7.24 -3.81 5.10
C VAL B 304 6.27 -3.78 6.27
N THR B 305 5.15 -4.50 6.13
CA THR B 305 4.23 -4.76 7.22
C THR B 305 3.98 -6.27 7.21
N LEU B 306 4.53 -6.97 8.19
CA LEU B 306 4.44 -8.42 8.24
C LEU B 306 3.01 -8.87 8.43
N SER B 307 2.62 -9.91 7.72
CA SER B 307 1.29 -10.45 7.87
C SER B 307 1.08 -10.98 9.29
N THR B 308 -0.20 -11.05 9.69
CA THR B 308 -0.61 -11.73 10.91
C THR B 308 0.27 -12.94 11.22
N GLU B 309 0.90 -13.46 10.18
CA GLU B 309 1.24 -14.86 10.12
C GLU B 309 2.73 -15.07 10.26
N GLU B 310 3.49 -14.38 9.42
CA GLU B 310 4.88 -14.11 9.75
C GLU B 310 5.03 -13.64 11.21
N MET B 311 4.15 -12.76 11.68
CA MET B 311 4.26 -12.28 13.06
C MET B 311 4.16 -13.42 14.06
N GLU B 312 3.08 -14.21 13.97
CA GLU B 312 2.87 -15.26 14.96
C GLU B 312 3.97 -16.28 14.86
N ARG B 313 4.59 -16.36 13.68
CA ARG B 313 5.67 -17.31 13.47
C ARG B 313 6.90 -16.87 14.21
N LEU B 314 7.25 -15.61 14.01
CA LEU B 314 8.34 -15.01 14.74
C LEU B 314 8.08 -15.06 16.24
N ASN B 315 6.84 -14.78 16.67
CA ASN B 315 6.52 -14.83 18.09
C ASN B 315 6.80 -16.22 18.66
N ARG B 316 6.44 -17.24 17.93
CA ARG B 316 6.54 -18.58 18.46
C ARG B 316 7.97 -19.06 18.61
N VAL B 317 8.77 -18.80 17.59
CA VAL B 317 10.12 -19.32 17.61
C VAL B 317 10.99 -18.49 18.53
N SER B 318 10.62 -17.23 18.78
CA SER B 318 11.32 -16.36 19.71
C SER B 318 10.62 -16.27 21.07
N ALA B 319 9.77 -17.23 21.39
CA ALA B 319 8.98 -17.16 22.61
C ALA B 319 9.87 -17.42 23.84
N PRO B 320 9.96 -16.48 24.79
CA PRO B 320 10.88 -16.67 25.93
C PRO B 320 10.51 -17.86 26.81
N ALA B 321 11.36 -18.87 26.81
CA ALA B 321 11.12 -20.10 27.57
C ALA B 321 11.49 -19.87 29.02
N MET B 322 10.49 -19.61 29.85
CA MET B 322 10.70 -19.37 31.27
C MET B 322 10.30 -20.64 31.99
N ALA B 323 11.29 -21.42 32.39
CA ALA B 323 10.95 -22.73 32.91
C ALA B 323 10.10 -22.61 34.18
N ASP B 324 8.81 -22.87 33.97
CA ASP B 324 7.81 -23.54 34.79
C ASP B 324 7.14 -22.85 35.97
N TYR B 325 7.79 -21.98 36.77
CA TYR B 325 6.80 -21.56 37.76
C TYR B 325 6.17 -20.19 37.51
N PRO B 326 6.90 -19.06 37.75
CA PRO B 326 6.15 -17.82 37.91
C PRO B 326 5.74 -17.24 36.57
N TYR B 327 6.64 -17.31 35.58
CA TYR B 327 6.41 -16.69 34.28
C TYR B 327 6.29 -17.71 33.16
N GLY B 328 6.12 -18.99 33.49
CA GLY B 328 6.06 -20.05 32.51
C GLY B 328 4.66 -20.58 32.32
N GLU B 329 4.58 -21.69 31.57
CA GLU B 329 3.29 -22.10 31.04
C GLU B 329 2.32 -22.48 32.15
N ARG B 330 2.78 -23.23 33.17
CA ARG B 330 1.83 -23.60 34.21
C ARG B 330 1.45 -22.41 35.05
N GLY B 331 2.41 -21.51 35.33
CA GLY B 331 2.09 -20.33 36.08
C GLY B 331 1.13 -19.41 35.35
N VAL B 332 1.42 -19.16 34.07
CA VAL B 332 0.51 -18.33 33.28
C VAL B 332 -0.90 -18.89 33.36
N SER B 333 -1.04 -20.20 33.17
CA SER B 333 -2.36 -20.80 33.10
C SER B 333 -3.04 -20.82 34.45
N GLN B 334 -2.25 -20.94 35.52
CA GLN B 334 -2.81 -20.87 36.86
C GLN B 334 -3.45 -19.52 37.10
N ARG B 335 -2.77 -18.44 36.74
CA ARG B 335 -3.33 -17.11 36.91
C ARG B 335 -4.39 -16.78 35.89
N HIS B 336 -4.39 -17.47 34.75
CA HIS B 336 -5.44 -17.29 33.78
C HIS B 336 -6.76 -17.78 34.35
N ARG B 337 -7.81 -16.99 34.13
CA ARG B 337 -9.18 -17.35 34.45
C ARG B 337 -9.94 -17.63 33.16
N LYS B 338 -10.28 -18.90 32.88
CA LYS B 338 -11.21 -19.23 31.81
C LYS B 338 -12.48 -18.40 31.97
N MET B 339 -12.97 -17.82 30.88
CA MET B 339 -14.15 -17.00 31.06
C MET B 339 -15.35 -17.86 31.37
N ASP B 340 -15.18 -19.19 31.44
CA ASP B 340 -16.37 -20.01 31.53
C ASP B 340 -16.37 -21.02 32.65
N GLY B 341 -15.34 -21.14 33.50
CA GLY B 341 -15.37 -22.14 34.58
C GLY B 341 -15.70 -23.62 34.31
N GLU C 2 30.03 -40.66 -30.41
CA GLU C 2 30.36 -41.57 -31.51
C GLU C 2 29.23 -42.57 -31.82
N TYR C 3 28.53 -43.00 -30.78
CA TYR C 3 27.28 -43.75 -30.93
C TYR C 3 26.18 -42.80 -31.44
N ARG C 4 25.47 -43.21 -32.50
CA ARG C 4 24.40 -42.40 -33.07
C ARG C 4 23.03 -42.93 -32.63
N LYS C 5 22.17 -42.02 -32.18
CA LYS C 5 20.80 -42.33 -31.75
C LYS C 5 19.85 -41.33 -32.43
N LEU C 6 18.58 -41.36 -32.09
CA LEU C 6 17.62 -40.37 -32.57
C LEU C 6 17.00 -39.60 -31.39
N GLY C 7 16.04 -38.70 -31.69
CA GLY C 7 15.06 -38.19 -30.71
C GLY C 7 13.78 -39.04 -30.73
N ASN C 8 12.63 -38.43 -30.96
CA ASN C 8 11.43 -39.13 -31.45
C ASN C 8 11.27 -38.80 -32.93
N SER C 9 12.36 -38.87 -33.65
CA SER C 9 12.40 -38.29 -34.97
C SER C 9 13.33 -39.11 -35.87
N GLY C 10 13.44 -38.64 -37.11
CA GLY C 10 14.29 -39.24 -38.11
C GLY C 10 15.71 -38.70 -38.09
N THR C 11 15.91 -37.56 -37.44
CA THR C 11 17.24 -37.00 -37.34
C THR C 11 18.05 -37.80 -36.32
N VAL C 12 19.29 -38.16 -36.68
CA VAL C 12 20.19 -38.86 -35.75
C VAL C 12 21.22 -37.88 -35.19
N VAL C 13 21.54 -38.07 -33.92
CA VAL C 13 22.55 -37.27 -33.24
C VAL C 13 23.52 -38.21 -32.55
N THR C 14 24.74 -37.74 -32.41
CA THR C 14 25.75 -38.49 -31.70
C THR C 14 25.43 -38.53 -30.21
N SER C 15 25.84 -39.61 -29.54
CA SER C 15 25.43 -39.79 -28.15
C SER C 15 26.02 -38.74 -27.22
N TYR C 16 26.90 -37.88 -27.73
CA TYR C 16 27.48 -36.80 -26.94
C TYR C 16 27.18 -35.50 -27.66
N CYS C 17 26.66 -34.53 -26.90
CA CYS C 17 26.31 -33.24 -27.44
C CYS C 17 27.14 -32.18 -26.73
N LEU C 18 27.55 -31.17 -27.49
CA LEU C 18 28.33 -30.07 -26.97
C LEU C 18 27.41 -28.99 -26.42
N GLY C 19 27.49 -28.73 -25.10
CA GLY C 19 26.84 -27.58 -24.52
C GLY C 19 27.58 -26.26 -24.80
N THR C 20 26.88 -25.16 -24.66
CA THR C 20 27.51 -23.88 -24.96
C THR C 20 27.19 -22.86 -23.88
N MET C 21 26.62 -23.28 -22.76
CA MET C 21 26.17 -22.30 -21.78
C MET C 21 27.33 -21.47 -21.28
N THR C 22 28.53 -22.03 -21.35
CA THR C 22 29.72 -21.34 -20.90
C THR C 22 30.23 -20.29 -21.89
N PHE C 23 29.80 -20.34 -23.15
CA PHE C 23 30.49 -19.61 -24.21
C PHE C 23 30.43 -18.09 -24.08
N GLY C 24 29.84 -17.56 -23.01
CA GLY C 24 29.93 -16.13 -22.81
C GLY C 24 30.57 -15.67 -21.51
N GLN C 25 30.46 -16.48 -20.45
CA GLN C 25 30.78 -16.06 -19.09
C GLN C 25 32.14 -16.55 -18.60
N GLU C 26 32.61 -17.71 -19.07
CA GLU C 26 33.93 -18.23 -18.71
C GLU C 26 34.82 -18.52 -19.90
N THR C 27 34.26 -18.67 -21.10
CA THR C 27 35.00 -19.02 -22.31
C THR C 27 34.82 -17.91 -23.33
N ASP C 28 35.91 -17.45 -23.94
CA ASP C 28 35.74 -16.47 -25.00
C ASP C 28 35.57 -17.16 -26.35
N GLU C 29 35.17 -16.36 -27.34
CA GLU C 29 34.72 -16.90 -28.62
C GLU C 29 35.82 -17.70 -29.31
N ALA C 30 37.08 -17.29 -29.16
CA ALA C 30 38.15 -17.91 -29.95
C ALA C 30 38.38 -19.35 -29.51
N THR C 31 38.58 -19.58 -28.20
CA THR C 31 38.67 -20.96 -27.74
C THR C 31 37.33 -21.67 -27.88
N SER C 32 36.23 -20.93 -27.78
CA SER C 32 34.92 -21.49 -28.13
C SER C 32 34.96 -22.12 -29.52
N HIS C 33 35.36 -21.33 -30.52
CA HIS C 33 35.47 -21.87 -31.87
C HIS C 33 36.38 -23.07 -31.95
N LEU C 34 37.41 -23.13 -31.12
CA LEU C 34 38.28 -24.30 -31.19
C LEU C 34 37.70 -25.49 -30.45
N ILE C 35 36.97 -25.26 -29.35
CA ILE C 35 36.20 -26.35 -28.72
C ILE C 35 35.24 -26.96 -29.73
N MET C 36 34.55 -26.11 -30.49
CA MET C 36 33.61 -26.61 -31.50
C MET C 36 34.37 -27.36 -32.59
N ASP C 37 35.46 -26.78 -33.10
CA ASP C 37 36.28 -27.49 -34.08
C ASP C 37 36.79 -28.80 -33.51
N ASP C 38 37.09 -28.82 -32.21
CA ASP C 38 37.53 -30.08 -31.58
C ASP C 38 36.40 -31.09 -31.51
N TYR C 39 35.22 -30.64 -31.10
CA TYR C 39 34.05 -31.52 -31.03
C TYR C 39 33.69 -32.08 -32.42
N ILE C 40 33.70 -31.23 -33.44
CA ILE C 40 33.35 -31.70 -34.79
C ILE C 40 34.37 -32.73 -35.27
N LYS C 41 35.66 -32.45 -35.10
CA LYS C 41 36.69 -33.37 -35.56
C LYS C 41 36.75 -34.65 -34.71
N ALA C 42 36.18 -34.63 -33.51
CA ALA C 42 35.98 -35.87 -32.76
C ALA C 42 34.78 -36.70 -33.24
N GLY C 43 33.99 -36.18 -34.19
CA GLY C 43 32.91 -36.95 -34.78
C GLY C 43 31.49 -36.56 -34.38
N GLY C 44 31.31 -35.45 -33.67
CA GLY C 44 30.00 -35.07 -33.19
C GLY C 44 29.28 -34.19 -34.17
N ASN C 45 27.96 -34.04 -33.94
CA ASN C 45 27.13 -33.30 -34.87
C ASN C 45 26.02 -32.51 -34.18
N PHE C 46 26.10 -32.30 -32.87
CA PHE C 46 24.97 -31.82 -32.10
C PHE C 46 25.47 -30.78 -31.11
N ILE C 47 25.08 -29.51 -31.28
CA ILE C 47 25.43 -28.47 -30.32
C ILE C 47 24.16 -27.89 -29.73
N ASP C 48 24.08 -27.90 -28.42
CA ASP C 48 22.95 -27.36 -27.66
C ASP C 48 23.30 -26.00 -27.08
N THR C 49 22.43 -25.01 -27.28
CA THR C 49 22.66 -23.65 -26.80
C THR C 49 21.34 -23.10 -26.24
N ALA C 50 21.35 -21.83 -25.83
CA ALA C 50 20.13 -21.13 -25.44
C ALA C 50 20.35 -19.64 -25.57
N ASN C 51 19.25 -18.91 -25.76
CA ASN C 51 19.34 -17.45 -25.90
C ASN C 51 19.75 -16.80 -24.59
N VAL C 52 19.26 -17.31 -23.46
CA VAL C 52 19.50 -16.70 -22.15
C VAL C 52 20.91 -16.93 -21.65
N TYR C 53 21.71 -17.73 -22.36
CA TYR C 53 22.93 -18.25 -21.75
C TYR C 53 23.88 -17.13 -21.38
N SER C 54 24.18 -16.24 -22.32
CA SER C 54 24.90 -15.01 -22.01
C SER C 54 24.25 -13.86 -22.74
N ALA C 55 22.91 -13.76 -22.63
CA ALA C 55 22.10 -12.70 -23.24
C ALA C 55 22.22 -12.68 -24.76
N GLY C 56 22.26 -13.87 -25.37
CA GLY C 56 22.34 -14.02 -26.81
C GLY C 56 23.75 -14.12 -27.37
N VAL C 57 24.78 -13.96 -26.54
CA VAL C 57 26.15 -14.01 -27.04
C VAL C 57 26.53 -15.43 -27.46
N SER C 58 26.22 -16.42 -26.61
CA SER C 58 26.53 -17.80 -26.99
C SER C 58 25.93 -18.15 -28.34
N GLU C 59 24.71 -17.67 -28.63
CA GLU C 59 24.05 -18.01 -29.90
C GLU C 59 24.71 -17.33 -31.09
N GLU C 60 25.18 -16.10 -30.91
CA GLU C 60 25.90 -15.48 -32.01
C GLU C 60 27.32 -16.03 -32.12
N ILE C 61 27.85 -16.61 -31.05
CA ILE C 61 29.11 -17.33 -31.17
C ILE C 61 28.96 -18.54 -32.06
N VAL C 62 28.00 -19.41 -31.77
CA VAL C 62 27.80 -20.55 -32.66
C VAL C 62 27.33 -20.05 -34.01
N GLY C 63 26.66 -18.89 -34.03
CA GLY C 63 26.28 -18.30 -35.30
C GLY C 63 27.47 -17.98 -36.18
N ARG C 64 28.50 -17.37 -35.59
CA ARG C 64 29.70 -17.02 -36.35
C ARG C 64 30.55 -18.25 -36.67
N TRP C 65 30.57 -19.24 -35.78
CA TRP C 65 31.32 -20.45 -36.06
C TRP C 65 30.71 -21.24 -37.22
N LEU C 66 29.39 -21.26 -37.31
CA LEU C 66 28.76 -21.94 -38.44
C LEU C 66 29.00 -21.17 -39.73
N LYS C 67 28.99 -19.83 -39.67
N LYS C 67 29.02 -19.84 -39.66
CA LYS C 67 29.36 -19.02 -40.82
CA LYS C 67 29.36 -19.03 -40.82
C LYS C 67 30.79 -19.30 -41.29
C LYS C 67 30.78 -19.31 -41.29
N ALA C 68 31.65 -19.78 -40.38
CA ALA C 68 32.98 -20.21 -40.79
C ALA C 68 32.87 -21.38 -41.76
N ARG C 69 32.28 -22.48 -41.30
CA ARG C 69 31.82 -23.62 -42.11
C ARG C 69 31.54 -24.74 -41.11
N GLN C 75 26.54 -32.17 -41.99
CA GLN C 75 25.74 -31.11 -41.37
C GLN C 75 25.50 -31.34 -39.87
N VAL C 76 25.57 -30.24 -39.12
CA VAL C 76 25.42 -30.21 -37.67
C VAL C 76 23.97 -29.91 -37.30
N VAL C 77 23.51 -30.54 -36.22
CA VAL C 77 22.17 -30.29 -35.66
C VAL C 77 22.31 -29.33 -34.50
N VAL C 78 21.59 -28.22 -34.57
CA VAL C 78 21.71 -27.14 -33.59
C VAL C 78 20.40 -27.06 -32.82
N ALA C 79 20.52 -26.94 -31.49
CA ALA C 79 19.36 -26.80 -30.62
C ALA C 79 19.46 -25.52 -29.81
N THR C 80 18.34 -24.86 -29.58
CA THR C 80 18.33 -23.66 -28.76
C THR C 80 17.06 -23.66 -27.92
N LYS C 81 16.92 -22.66 -27.05
CA LYS C 81 15.82 -22.62 -26.09
C LYS C 81 15.15 -21.25 -26.03
N GLY C 82 13.96 -21.23 -25.42
CA GLY C 82 13.20 -20.02 -25.16
C GLY C 82 12.83 -19.91 -23.70
N ARG C 83 11.79 -19.13 -23.35
CA ARG C 83 11.12 -19.14 -22.04
C ARG C 83 11.80 -18.39 -20.88
N PHE C 84 13.08 -18.08 -20.97
CA PHE C 84 13.63 -17.41 -19.81
C PHE C 84 13.89 -15.93 -20.11
N PRO C 85 13.99 -15.09 -19.08
CA PRO C 85 14.08 -13.64 -19.30
C PRO C 85 15.26 -13.25 -20.17
N MET C 86 14.93 -12.58 -21.28
CA MET C 86 15.91 -11.87 -22.09
C MET C 86 15.98 -10.40 -21.73
N GLY C 87 15.20 -9.98 -20.74
CA GLY C 87 15.22 -8.64 -20.21
C GLY C 87 14.48 -8.65 -18.90
N ALA C 88 14.28 -7.45 -18.35
CA ALA C 88 13.54 -7.30 -17.09
C ALA C 88 12.10 -6.85 -17.31
N GLY C 89 11.53 -7.17 -18.48
CA GLY C 89 10.18 -6.78 -18.83
C GLY C 89 9.16 -7.86 -18.56
N PRO C 90 7.87 -7.49 -18.53
CA PRO C 90 6.85 -8.48 -18.18
C PRO C 90 6.56 -9.48 -19.29
N ASN C 91 6.85 -9.13 -20.54
CA ASN C 91 6.70 -10.04 -21.67
C ASN C 91 8.02 -10.34 -22.38
N ASP C 92 9.16 -10.13 -21.72
CA ASP C 92 10.42 -10.65 -22.22
C ASP C 92 10.68 -12.07 -21.71
N LEU C 93 9.64 -12.75 -21.23
CA LEU C 93 9.74 -14.09 -20.71
C LEU C 93 8.38 -14.78 -20.84
N GLY C 94 8.37 -16.08 -20.57
CA GLY C 94 7.17 -16.87 -20.72
C GLY C 94 7.10 -17.58 -22.07
N LEU C 95 6.22 -18.58 -22.14
CA LEU C 95 5.93 -19.31 -23.36
C LEU C 95 4.75 -18.71 -24.15
N SER C 96 4.39 -17.45 -23.88
CA SER C 96 3.38 -16.75 -24.67
C SER C 96 3.79 -16.73 -26.13
N ARG C 97 2.82 -16.53 -27.01
CA ARG C 97 3.22 -16.48 -28.41
C ARG C 97 3.69 -15.09 -28.81
N THR C 98 3.37 -14.05 -28.03
CA THR C 98 3.99 -12.76 -28.30
C THR C 98 5.47 -12.79 -27.92
N ASN C 99 5.81 -13.39 -26.78
CA ASN C 99 7.22 -13.42 -26.38
C ASN C 99 8.03 -14.42 -27.20
N LEU C 100 7.47 -15.61 -27.48
CA LEU C 100 8.22 -16.62 -28.22
C LEU C 100 8.42 -16.22 -29.67
N ASN C 101 7.49 -15.45 -30.24
CA ASN C 101 7.62 -15.04 -31.64
C ASN C 101 8.89 -14.24 -31.85
N ARG C 102 9.16 -13.27 -30.96
CA ARG C 102 10.40 -12.52 -31.11
C ARG C 102 11.59 -13.25 -30.51
N ALA C 103 11.37 -14.07 -29.47
CA ALA C 103 12.46 -14.89 -28.94
C ALA C 103 13.07 -15.77 -30.01
N LEU C 104 12.21 -16.41 -30.82
CA LEU C 104 12.72 -17.27 -31.88
C LEU C 104 13.29 -16.47 -33.03
N ASN C 105 12.63 -15.36 -33.39
CA ASN C 105 13.17 -14.52 -34.46
C ASN C 105 14.59 -14.06 -34.13
N ASP C 106 14.84 -13.72 -32.87
CA ASP C 106 16.18 -13.28 -32.45
C ASP C 106 17.17 -14.44 -32.45
N SER C 107 16.75 -15.62 -31.97
CA SER C 107 17.63 -16.79 -32.05
C SER C 107 18.00 -17.10 -33.49
N LEU C 108 17.06 -16.97 -34.42
CA LEU C 108 17.39 -17.23 -35.82
C LEU C 108 18.35 -16.20 -36.37
N ARG C 109 18.19 -14.94 -35.97
CA ARG C 109 19.11 -13.91 -36.45
C ARG C 109 20.50 -14.13 -35.88
N ARG C 110 20.59 -14.49 -34.60
CA ARG C 110 21.89 -14.62 -33.97
C ARG C 110 22.59 -15.90 -34.41
N LEU C 111 21.83 -16.94 -34.72
CA LEU C 111 22.45 -18.13 -35.26
C LEU C 111 22.72 -18.00 -36.74
N GLY C 112 22.10 -17.03 -37.40
CA GLY C 112 22.24 -16.86 -38.83
C GLY C 112 21.74 -18.02 -39.66
N VAL C 113 20.84 -18.82 -39.11
CA VAL C 113 20.33 -19.99 -39.79
C VAL C 113 19.02 -19.62 -40.48
N GLU C 114 18.59 -20.48 -41.39
CA GLU C 114 17.24 -20.39 -41.95
C GLU C 114 16.24 -21.23 -41.16
N GLN C 115 16.74 -22.15 -40.32
CA GLN C 115 15.90 -23.09 -39.58
C GLN C 115 16.68 -23.69 -38.42
N ILE C 116 16.20 -23.45 -37.19
CA ILE C 116 16.70 -24.13 -36.01
C ILE C 116 16.21 -25.58 -36.01
N ASP C 117 17.12 -26.52 -35.77
CA ASP C 117 16.72 -27.92 -35.93
C ASP C 117 15.86 -28.40 -34.75
N LEU C 118 16.20 -28.00 -33.52
CA LEU C 118 15.47 -28.39 -32.32
C LEU C 118 15.33 -27.19 -31.40
N TYR C 119 14.09 -26.77 -31.16
CA TYR C 119 13.79 -25.59 -30.35
C TYR C 119 13.12 -26.08 -29.07
N GLN C 120 13.68 -25.76 -27.92
CA GLN C 120 13.22 -26.34 -26.67
C GLN C 120 12.59 -25.30 -25.76
N MET C 121 11.49 -25.67 -25.11
CA MET C 121 10.90 -24.87 -24.03
C MET C 121 11.76 -25.05 -22.78
N HIS C 122 12.46 -23.97 -22.37
CA HIS C 122 13.48 -24.08 -21.33
C HIS C 122 12.90 -24.52 -19.99
N ALA C 123 11.66 -24.13 -19.71
CA ALA C 123 10.93 -24.54 -18.51
C ALA C 123 9.43 -24.41 -18.75
N TRP C 124 8.66 -25.07 -17.91
CA TRP C 124 7.21 -24.91 -17.88
C TRP C 124 6.80 -23.45 -17.63
N ASP C 125 5.58 -23.13 -18.04
CA ASP C 125 5.02 -21.80 -17.83
C ASP C 125 3.55 -22.01 -17.45
N ALA C 126 3.23 -21.98 -16.17
CA ALA C 126 1.85 -22.12 -15.74
C ALA C 126 0.97 -20.96 -16.23
N VAL C 127 1.55 -19.81 -16.53
CA VAL C 127 0.80 -18.63 -16.97
C VAL C 127 0.24 -18.84 -18.37
N THR C 128 1.02 -19.44 -19.28
CA THR C 128 0.63 -19.58 -20.67
C THR C 128 -0.11 -20.90 -20.87
N PRO C 129 -1.32 -20.89 -21.39
CA PRO C 129 -1.99 -22.18 -21.65
C PRO C 129 -1.20 -22.98 -22.66
N ILE C 130 -1.10 -24.28 -22.40
CA ILE C 130 -0.20 -25.10 -23.20
C ILE C 130 -0.62 -25.10 -24.66
N GLU C 131 -1.93 -24.95 -24.92
CA GLU C 131 -2.46 -24.90 -26.28
C GLU C 131 -1.82 -23.79 -27.09
N GLU C 132 -1.58 -22.65 -26.45
CA GLU C 132 -1.05 -21.49 -27.16
C GLU C 132 0.41 -21.69 -27.52
N THR C 133 1.19 -22.23 -26.59
CA THR C 133 2.59 -22.52 -26.87
C THR C 133 2.74 -23.51 -28.02
N LEU C 134 2.03 -24.64 -27.95
CA LEU C 134 2.27 -25.68 -28.95
C LEU C 134 1.67 -25.29 -30.29
N ARG C 135 0.66 -24.42 -30.28
CA ARG C 135 0.13 -23.98 -31.55
C ARG C 135 1.10 -23.02 -32.24
N PHE C 136 1.71 -22.13 -31.46
CA PHE C 136 2.81 -21.32 -31.98
C PHE C 136 3.93 -22.22 -32.51
N LEU C 137 4.33 -23.24 -31.73
CA LEU C 137 5.38 -24.14 -32.19
C LEU C 137 4.99 -24.83 -33.49
N ASP C 138 3.70 -25.14 -33.67
CA ASP C 138 3.27 -25.78 -34.91
C ASP C 138 3.32 -24.80 -36.07
N ASP C 139 2.90 -23.56 -35.84
CA ASP C 139 3.00 -22.53 -36.88
C ASP C 139 4.45 -22.35 -37.32
N ALA C 140 5.39 -22.45 -36.36
CA ALA C 140 6.80 -22.31 -36.68
C ALA C 140 7.28 -23.44 -37.57
N VAL C 141 6.92 -24.69 -37.23
CA VAL C 141 7.25 -25.82 -38.09
C VAL C 141 6.67 -25.62 -39.50
N SER C 142 5.44 -25.12 -39.58
CA SER C 142 4.83 -24.78 -40.87
C SER C 142 5.55 -23.62 -41.54
N ALA C 143 6.03 -22.67 -40.76
CA ALA C 143 6.79 -21.60 -41.38
C ALA C 143 8.17 -22.05 -41.81
N GLY C 144 8.61 -23.23 -41.40
CA GLY C 144 9.99 -23.60 -41.62
C GLY C 144 11.01 -22.86 -40.76
N LYS C 145 10.57 -22.14 -39.73
CA LYS C 145 11.53 -21.58 -38.77
C LYS C 145 12.20 -22.66 -37.91
N ILE C 146 11.47 -23.71 -37.54
CA ILE C 146 12.03 -24.80 -36.73
C ILE C 146 11.63 -26.12 -37.37
N ALA C 147 12.40 -27.16 -37.04
CA ALA C 147 12.12 -28.53 -37.49
C ALA C 147 11.30 -29.30 -36.45
N TYR C 148 11.86 -29.44 -35.25
CA TYR C 148 11.24 -30.13 -34.13
C TYR C 148 11.17 -29.19 -32.94
N TYR C 149 10.45 -29.62 -31.90
CA TYR C 149 10.41 -28.89 -30.65
C TYR C 149 10.49 -29.90 -29.52
N GLY C 150 10.86 -29.42 -28.34
CA GLY C 150 10.95 -30.29 -27.18
C GLY C 150 10.87 -29.49 -25.89
N PHE C 151 11.11 -30.18 -24.77
CA PHE C 151 11.08 -29.51 -23.48
C PHE C 151 12.41 -29.67 -22.75
N SER C 152 12.71 -28.73 -21.84
CA SER C 152 13.90 -28.87 -20.99
C SER C 152 13.54 -29.28 -19.57
N ASN C 153 12.74 -28.48 -18.84
CA ASN C 153 12.25 -29.02 -17.58
C ASN C 153 10.76 -28.73 -17.42
N TYR C 154 10.02 -29.76 -17.81
CA TYR C 154 8.62 -29.98 -17.61
C TYR C 154 8.52 -31.07 -16.56
N LEU C 155 7.44 -31.06 -15.80
CA LEU C 155 7.16 -32.19 -14.95
C LEU C 155 6.60 -33.33 -15.81
N GLY C 156 6.41 -34.49 -15.18
CA GLY C 156 5.95 -35.66 -15.92
C GLY C 156 4.55 -35.48 -16.46
N TRP C 157 3.63 -35.01 -15.63
CA TRP C 157 2.28 -34.82 -16.14
C TRP C 157 2.25 -33.74 -17.19
N GLN C 158 3.16 -32.76 -17.09
CA GLN C 158 3.21 -31.69 -18.07
C GLN C 158 3.70 -32.19 -19.42
N VAL C 159 4.68 -33.11 -19.41
CA VAL C 159 5.10 -33.77 -20.63
C VAL C 159 3.92 -34.49 -21.25
N THR C 160 3.20 -35.28 -20.45
CA THR C 160 2.08 -36.06 -20.95
C THR C 160 0.97 -35.17 -21.49
N LYS C 161 0.65 -34.08 -20.79
CA LYS C 161 -0.38 -33.17 -21.29
C LYS C 161 -0.01 -32.64 -22.67
N ALA C 162 1.21 -32.15 -22.81
CA ALA C 162 1.65 -31.62 -24.10
C ALA C 162 1.50 -32.67 -25.19
N VAL C 163 1.98 -33.88 -24.93
CA VAL C 163 1.91 -34.98 -25.88
C VAL C 163 0.48 -35.16 -26.38
N HIS C 164 -0.44 -35.45 -25.45
CA HIS C 164 -1.80 -35.76 -25.85
C HIS C 164 -2.51 -34.53 -26.42
N VAL C 165 -2.23 -33.33 -25.89
CA VAL C 165 -2.77 -32.13 -26.51
C VAL C 165 -2.27 -32.01 -27.95
N ALA C 166 -0.98 -32.24 -28.17
CA ALA C 166 -0.43 -32.12 -29.52
C ALA C 166 -1.05 -33.17 -30.48
N ARG C 167 -1.28 -34.38 -29.97
CA ARG C 167 -1.94 -35.40 -30.79
C ARG C 167 -3.43 -35.08 -30.99
N ALA C 168 -4.06 -34.36 -30.08
CA ALA C 168 -5.48 -34.02 -30.27
C ALA C 168 -5.68 -32.98 -31.38
N ASN C 169 -4.67 -32.18 -31.69
CA ASN C 169 -4.80 -31.08 -32.64
C ASN C 169 -3.95 -31.27 -33.89
N HIS C 170 -3.55 -32.50 -34.21
CA HIS C 170 -2.74 -32.79 -35.38
C HIS C 170 -1.48 -31.93 -35.42
N TRP C 171 -0.87 -31.69 -34.27
CA TRP C 171 0.40 -31.00 -34.24
C TRP C 171 1.55 -32.01 -34.16
N THR C 172 2.76 -31.54 -34.48
CA THR C 172 3.89 -32.47 -34.47
C THR C 172 4.23 -32.90 -33.05
N ALA C 173 4.80 -33.96 -32.96
CA ALA C 173 5.06 -34.41 -31.60
C ALA C 173 6.35 -33.80 -31.08
N PRO C 174 6.46 -33.60 -29.76
CA PRO C 174 7.76 -33.27 -29.18
C PRO C 174 8.68 -34.48 -29.31
N VAL C 175 9.98 -34.23 -29.39
CA VAL C 175 10.94 -35.31 -29.60
C VAL C 175 11.74 -35.63 -28.33
N THR C 176 12.08 -34.63 -27.52
CA THR C 176 13.03 -34.83 -26.43
C THR C 176 12.66 -34.00 -25.22
N LEU C 177 13.19 -34.41 -24.07
CA LEU C 177 13.24 -33.58 -22.86
C LEU C 177 14.69 -33.39 -22.42
N GLN C 178 15.03 -32.18 -21.90
CA GLN C 178 16.42 -31.90 -21.49
C GLN C 178 16.51 -31.74 -19.97
N PRO C 179 16.58 -32.83 -19.23
CA PRO C 179 16.60 -32.77 -17.76
C PRO C 179 18.01 -32.72 -17.19
N GLN C 180 18.06 -32.31 -15.93
CA GLN C 180 19.24 -32.52 -15.12
C GLN C 180 19.23 -33.99 -14.71
N TYR C 181 20.33 -34.71 -15.01
CA TYR C 181 20.43 -36.14 -14.79
C TYR C 181 21.89 -36.55 -14.59
N ASN C 182 22.16 -37.23 -13.48
CA ASN C 182 23.45 -37.83 -13.17
C ASN C 182 23.25 -38.72 -11.95
N LEU C 183 24.35 -39.34 -11.49
CA LEU C 183 24.24 -40.34 -10.43
C LEU C 183 23.65 -39.74 -9.15
N LEU C 184 23.82 -38.44 -8.96
CA LEU C 184 23.30 -37.78 -7.77
C LEU C 184 21.96 -37.08 -8.01
N VAL C 185 21.54 -36.89 -9.24
CA VAL C 185 20.25 -36.26 -9.54
C VAL C 185 19.48 -37.22 -10.45
N ARG C 186 18.73 -38.12 -9.82
CA ARG C 186 18.01 -39.17 -10.54
C ARG C 186 16.51 -39.07 -10.33
N ASP C 187 15.99 -37.91 -9.92
CA ASP C 187 14.58 -37.88 -9.56
C ASP C 187 13.64 -37.90 -10.75
N ILE C 188 14.13 -37.66 -11.97
CA ILE C 188 13.29 -37.76 -13.16
C ILE C 188 12.78 -39.16 -13.39
N GLU C 189 13.29 -40.15 -12.66
CA GLU C 189 12.89 -41.54 -12.90
C GLU C 189 11.56 -41.91 -12.26
N HIS C 190 10.96 -40.99 -11.52
CA HIS C 190 9.68 -41.29 -10.88
C HIS C 190 8.52 -41.03 -11.82
N GLU C 191 8.50 -39.86 -12.45
CA GLU C 191 7.41 -39.50 -13.35
C GLU C 191 7.89 -39.06 -14.73
N ILE C 192 8.99 -38.31 -14.79
CA ILE C 192 9.38 -37.67 -16.04
C ILE C 192 9.86 -38.69 -17.05
N VAL C 193 10.68 -39.66 -16.62
CA VAL C 193 11.17 -40.71 -17.51
C VAL C 193 9.97 -41.55 -18.04
N PRO C 194 9.14 -42.12 -17.18
CA PRO C 194 7.98 -42.88 -17.71
C PRO C 194 7.13 -42.06 -18.69
N ALA C 195 6.82 -40.82 -18.34
CA ALA C 195 6.09 -39.95 -19.25
C ALA C 195 6.74 -39.91 -20.64
N CYS C 196 8.05 -39.59 -20.70
CA CYS C 196 8.74 -39.52 -22.00
C CYS C 196 8.80 -40.88 -22.69
N GLN C 197 9.00 -41.95 -21.92
CA GLN C 197 9.11 -43.26 -22.52
C GLN C 197 7.81 -43.67 -23.20
N ASP C 198 6.68 -43.46 -22.50
CA ASP C 198 5.40 -43.76 -23.11
C ASP C 198 5.17 -42.94 -24.37
N ALA C 199 5.71 -41.71 -24.42
CA ALA C 199 5.57 -40.85 -25.60
C ALA C 199 6.68 -41.02 -26.62
N ALA C 200 7.57 -42.00 -26.39
CA ALA C 200 8.71 -42.30 -27.24
C ALA C 200 9.76 -41.18 -27.25
N MET C 201 9.73 -40.28 -26.27
CA MET C 201 10.66 -39.16 -26.32
C MET C 201 12.01 -39.58 -25.75
N GLY C 202 13.02 -38.79 -26.08
CA GLY C 202 14.37 -39.02 -25.61
C GLY C 202 14.82 -37.97 -24.60
N LEU C 203 15.75 -38.38 -23.74
CA LEU C 203 16.39 -37.49 -22.78
C LEU C 203 17.63 -36.83 -23.37
N LEU C 204 17.82 -35.57 -23.03
CA LEU C 204 19.10 -34.89 -23.24
C LEU C 204 19.58 -34.48 -21.86
N PRO C 205 20.16 -35.43 -21.10
CA PRO C 205 20.69 -35.10 -19.77
C PRO C 205 21.83 -34.10 -19.87
N TRP C 206 21.69 -33.01 -19.12
CA TRP C 206 22.75 -32.03 -18.91
C TRP C 206 23.10 -32.04 -17.43
N SER C 207 24.24 -31.37 -17.10
CA SER C 207 24.87 -31.42 -15.78
C SER C 207 25.22 -32.86 -15.45
N PRO C 208 25.94 -33.57 -16.34
CA PRO C 208 26.16 -34.99 -16.10
C PRO C 208 27.17 -35.28 -15.02
N LEU C 209 28.09 -34.35 -14.75
CA LEU C 209 28.99 -34.48 -13.63
C LEU C 209 28.48 -33.79 -12.38
N GLY C 210 27.23 -33.33 -12.39
CA GLY C 210 26.64 -32.73 -11.20
C GLY C 210 27.18 -31.35 -10.85
N GLY C 211 27.65 -30.61 -11.85
CA GLY C 211 28.41 -29.41 -11.57
C GLY C 211 29.81 -29.65 -11.05
N GLY C 212 30.34 -30.87 -11.18
CA GLY C 212 31.72 -31.17 -10.83
C GLY C 212 31.90 -32.18 -9.73
N TRP C 213 30.89 -32.38 -8.88
CA TRP C 213 31.06 -33.24 -7.72
C TRP C 213 31.38 -34.68 -8.08
N LEU C 214 31.06 -35.12 -9.31
CA LEU C 214 31.39 -36.46 -9.75
C LEU C 214 32.66 -36.49 -10.60
N ALA C 215 33.35 -35.37 -10.79
CA ALA C 215 34.55 -35.34 -11.61
C ALA C 215 35.82 -35.56 -10.81
N GLY C 216 35.84 -35.10 -9.55
CA GLY C 216 37.01 -35.20 -8.70
C GLY C 216 37.44 -33.85 -8.15
N ARG C 249 24.20 -42.08 0.69
CA ARG C 249 24.86 -40.79 0.85
C ARG C 249 25.62 -40.44 -0.43
N THR C 250 25.97 -39.17 -0.58
CA THR C 250 26.62 -38.74 -1.81
C THR C 250 28.03 -39.28 -1.90
N TRP C 251 28.74 -39.34 -0.75
CA TRP C 251 30.14 -39.72 -0.82
C TRP C 251 30.28 -41.21 -1.09
N GLN C 252 29.31 -42.02 -0.63
CA GLN C 252 29.27 -43.43 -1.00
C GLN C 252 29.22 -43.60 -2.52
N ILE C 253 28.41 -42.78 -3.18
CA ILE C 253 28.31 -42.83 -4.65
C ILE C 253 29.63 -42.41 -5.28
N ILE C 254 30.16 -41.26 -4.87
CA ILE C 254 31.47 -40.81 -5.33
C ILE C 254 32.50 -41.92 -5.19
N ASP C 255 32.49 -42.59 -4.03
CA ASP C 255 33.53 -43.58 -3.76
C ASP C 255 33.40 -44.77 -4.71
N MET C 256 32.18 -45.31 -4.85
CA MET C 256 31.96 -46.40 -5.80
C MET C 256 32.28 -45.97 -7.23
N VAL C 257 31.94 -44.73 -7.58
CA VAL C 257 32.27 -44.26 -8.92
C VAL C 257 33.78 -44.29 -9.14
N ALA C 258 34.55 -43.78 -8.16
CA ALA C 258 36.01 -43.78 -8.29
C ALA C 258 36.57 -45.19 -8.22
N GLU C 259 35.96 -46.04 -7.40
CA GLU C 259 36.42 -47.42 -7.34
C GLU C 259 36.22 -48.14 -8.67
N ILE C 260 35.05 -47.98 -9.29
CA ILE C 260 34.84 -48.59 -10.60
C ILE C 260 35.71 -47.91 -11.66
N ALA C 261 35.99 -46.62 -11.48
CA ALA C 261 36.85 -45.90 -12.44
C ALA C 261 38.24 -46.53 -12.49
N LYS C 262 38.79 -46.91 -11.33
CA LYS C 262 40.14 -47.43 -11.32
C LYS C 262 40.22 -48.93 -11.61
N GLU C 263 39.16 -49.70 -11.38
CA GLU C 263 39.20 -51.07 -11.89
C GLU C 263 38.97 -51.15 -13.40
N ARG C 264 38.63 -50.04 -14.05
CA ARG C 264 38.59 -49.99 -15.51
C ARG C 264 39.74 -49.20 -16.10
N GLY C 265 40.57 -48.57 -15.29
CA GLY C 265 41.68 -47.80 -15.78
C GLY C 265 41.26 -46.49 -16.38
N VAL C 266 40.32 -45.81 -15.72
CA VAL C 266 39.61 -44.70 -16.33
C VAL C 266 39.32 -43.65 -15.25
N SER C 267 39.10 -42.42 -15.69
CA SER C 267 38.80 -41.33 -14.77
C SER C 267 37.40 -41.46 -14.18
N ALA C 268 37.22 -40.93 -12.97
CA ALA C 268 35.91 -40.88 -12.36
C ALA C 268 34.90 -40.09 -13.21
N ALA C 269 35.31 -38.93 -13.74
CA ALA C 269 34.43 -38.17 -14.63
C ALA C 269 33.98 -39.02 -15.81
N GLN C 270 34.89 -39.82 -16.35
CA GLN C 270 34.56 -40.62 -17.53
C GLN C 270 33.61 -41.76 -17.20
N VAL C 271 33.65 -42.32 -15.98
CA VAL C 271 32.69 -43.39 -15.73
C VAL C 271 31.32 -42.81 -15.37
N ALA C 272 31.28 -41.68 -14.66
CA ALA C 272 30.02 -40.98 -14.44
C ALA C 272 29.37 -40.59 -15.77
N LEU C 273 30.16 -40.09 -16.70
CA LEU C 273 29.63 -39.74 -18.01
C LEU C 273 29.15 -40.96 -18.77
N ALA C 274 29.87 -42.08 -18.67
CA ALA C 274 29.43 -43.27 -19.38
C ALA C 274 28.13 -43.81 -18.77
N TRP C 275 27.90 -43.57 -17.48
CA TRP C 275 26.68 -44.05 -16.86
C TRP C 275 25.44 -43.36 -17.47
N VAL C 276 25.43 -42.02 -17.48
CA VAL C 276 24.27 -41.29 -17.97
C VAL C 276 24.00 -41.62 -19.44
N VAL C 277 25.06 -41.76 -20.25
CA VAL C 277 24.85 -42.04 -21.66
C VAL C 277 24.27 -43.44 -21.87
N ALA C 278 24.39 -44.32 -20.88
CA ALA C 278 23.87 -45.68 -21.00
C ALA C 278 22.52 -45.85 -20.31
N ARG C 279 21.98 -44.81 -19.74
CA ARG C 279 20.73 -44.99 -19.01
C ARG C 279 19.53 -45.05 -19.96
N PRO C 280 18.43 -45.68 -19.54
CA PRO C 280 17.26 -45.80 -20.44
C PRO C 280 16.70 -44.44 -20.87
N ALA C 281 16.29 -44.37 -22.14
CA ALA C 281 15.71 -43.21 -22.84
C ALA C 281 16.72 -42.12 -23.18
N VAL C 282 17.99 -42.28 -22.85
CA VAL C 282 18.93 -41.21 -23.13
C VAL C 282 19.25 -41.20 -24.62
N THR C 283 19.16 -40.03 -25.24
CA THR C 283 19.62 -39.97 -26.63
C THR C 283 20.98 -39.31 -26.77
N ALA C 284 21.34 -38.41 -25.86
CA ALA C 284 22.67 -37.79 -25.91
C ALA C 284 22.90 -37.07 -24.59
N VAL C 285 24.15 -36.97 -24.21
CA VAL C 285 24.54 -36.18 -23.05
C VAL C 285 25.12 -34.87 -23.52
N ILE C 286 24.82 -33.81 -22.80
CA ILE C 286 25.31 -32.49 -23.16
C ILE C 286 26.52 -32.21 -22.31
N LEU C 287 27.64 -31.96 -22.97
CA LEU C 287 28.90 -31.65 -22.29
C LEU C 287 29.01 -30.14 -22.11
N GLY C 288 29.22 -29.71 -20.86
CA GLY C 288 29.50 -28.31 -20.57
C GLY C 288 31.00 -28.02 -20.55
N ALA C 289 31.72 -28.51 -21.54
CA ALA C 289 33.15 -28.26 -21.62
C ALA C 289 33.43 -26.76 -21.77
N ARG C 290 34.41 -26.28 -20.99
CA ARG C 290 34.87 -24.90 -21.07
C ARG C 290 36.31 -24.77 -21.55
N THR C 291 37.07 -25.87 -21.64
CA THR C 291 38.42 -25.89 -22.20
C THR C 291 38.49 -26.97 -23.26
N ARG C 292 39.45 -26.82 -24.17
CA ARG C 292 39.68 -27.86 -25.17
C ARG C 292 40.00 -29.20 -24.52
N GLU C 293 40.64 -29.17 -23.34
CA GLU C 293 41.04 -30.40 -22.68
C GLU C 293 39.91 -30.99 -21.84
N GLN C 294 39.04 -30.17 -21.25
CA GLN C 294 37.79 -30.74 -20.70
C GLN C 294 37.03 -31.51 -21.78
N LEU C 295 36.96 -30.95 -22.98
CA LEU C 295 36.32 -31.67 -24.08
C LEU C 295 37.04 -32.98 -24.33
N ALA C 296 38.37 -32.94 -24.34
CA ALA C 296 39.15 -34.16 -24.57
C ALA C 296 38.97 -35.14 -23.42
N ASP C 297 39.01 -34.65 -22.17
CA ASP C 297 38.86 -35.56 -21.03
C ASP C 297 37.45 -36.12 -20.92
N ASN C 298 36.45 -35.35 -21.37
CA ASN C 298 35.09 -35.88 -21.38
C ASN C 298 34.86 -36.85 -22.53
N LEU C 299 35.33 -36.50 -23.74
CA LEU C 299 35.19 -37.41 -24.88
C LEU C 299 35.97 -38.71 -24.70
N GLY C 300 36.85 -38.79 -23.69
CA GLY C 300 37.43 -40.07 -23.33
C GLY C 300 36.39 -41.09 -22.90
N ALA C 301 35.24 -40.63 -22.41
CA ALA C 301 34.21 -41.58 -21.99
C ALA C 301 33.55 -42.28 -23.18
N VAL C 302 33.69 -41.73 -24.40
CA VAL C 302 33.16 -42.39 -25.58
C VAL C 302 33.71 -43.80 -25.71
N ALA C 303 35.02 -43.97 -25.49
CA ALA C 303 35.64 -45.27 -25.56
C ALA C 303 35.25 -46.17 -24.38
N VAL C 304 34.76 -45.58 -23.30
CA VAL C 304 34.38 -46.36 -22.13
C VAL C 304 32.99 -46.93 -22.34
N THR C 305 32.83 -48.19 -21.99
CA THR C 305 31.58 -48.93 -22.13
C THR C 305 31.49 -49.76 -20.86
N LEU C 306 30.71 -49.27 -19.90
CA LEU C 306 30.59 -49.97 -18.62
C LEU C 306 29.87 -51.29 -18.79
N SER C 307 30.29 -52.28 -18.01
CA SER C 307 29.70 -53.60 -18.07
C SER C 307 28.35 -53.60 -17.35
N THR C 308 27.56 -54.62 -17.66
CA THR C 308 26.22 -54.73 -17.08
C THR C 308 26.27 -54.69 -15.56
N GLU C 309 27.21 -55.43 -14.97
CA GLU C 309 27.30 -55.52 -13.52
C GLU C 309 27.67 -54.16 -12.91
N GLU C 310 28.61 -53.45 -13.56
CA GLU C 310 29.01 -52.15 -13.06
C GLU C 310 27.83 -51.19 -13.04
N MET C 311 27.02 -51.19 -14.10
CA MET C 311 25.83 -50.35 -14.13
C MET C 311 24.91 -50.69 -12.97
N GLU C 312 24.65 -51.98 -12.77
CA GLU C 312 23.79 -52.40 -11.67
C GLU C 312 24.32 -51.91 -10.33
N ARG C 313 25.64 -51.93 -10.13
CA ARG C 313 26.22 -51.46 -8.87
C ARG C 313 26.08 -49.95 -8.74
N LEU C 314 26.28 -49.23 -9.83
CA LEU C 314 26.01 -47.79 -9.81
C LEU C 314 24.55 -47.49 -9.56
N ASN C 315 23.64 -48.26 -10.18
CA ASN C 315 22.21 -48.07 -9.92
C ASN C 315 21.88 -48.32 -8.45
N ARG C 316 22.50 -49.33 -7.84
CA ARG C 316 22.12 -49.69 -6.47
C ARG C 316 22.49 -48.58 -5.49
N VAL C 317 23.73 -48.08 -5.59
CA VAL C 317 24.16 -47.10 -4.58
C VAL C 317 23.59 -45.72 -4.90
N SER C 318 23.42 -45.35 -6.17
CA SER C 318 22.78 -44.08 -6.50
C SER C 318 21.33 -44.35 -6.89
N ALA C 319 20.52 -44.66 -5.89
CA ALA C 319 19.13 -44.94 -6.14
C ALA C 319 18.29 -43.91 -5.40
N PRO C 320 17.33 -43.25 -6.06
CA PRO C 320 16.63 -42.16 -5.39
C PRO C 320 15.85 -42.64 -4.18
N ALA C 321 16.32 -42.26 -3.00
CA ALA C 321 15.74 -42.70 -1.73
C ALA C 321 14.50 -41.86 -1.43
N MET C 322 13.32 -42.45 -1.63
CA MET C 322 12.07 -41.73 -1.51
C MET C 322 11.22 -42.29 -0.37
N ALA C 323 10.25 -41.48 0.06
CA ALA C 323 9.26 -41.92 1.02
C ALA C 323 8.43 -43.05 0.40
N ASP C 324 7.57 -43.67 1.20
CA ASP C 324 7.04 -44.95 0.78
C ASP C 324 5.91 -44.81 -0.24
N TYR C 325 4.91 -43.91 0.01
CA TYR C 325 3.63 -44.10 -0.69
C TYR C 325 3.73 -43.87 -2.20
N PRO C 326 4.02 -42.68 -2.70
CA PRO C 326 3.92 -42.53 -4.16
C PRO C 326 5.07 -43.23 -4.89
N TYR C 327 6.31 -43.00 -4.44
CA TYR C 327 7.45 -43.18 -5.33
C TYR C 327 8.50 -44.16 -4.82
N GLY C 328 8.29 -44.77 -3.65
CA GLY C 328 9.27 -45.65 -3.04
C GLY C 328 9.04 -47.11 -3.37
N GLU C 329 9.81 -47.97 -2.70
CA GLU C 329 9.85 -49.38 -3.06
C GLU C 329 8.50 -50.04 -2.90
N ARG C 330 7.76 -49.66 -1.84
CA ARG C 330 6.43 -50.22 -1.64
C ARG C 330 5.44 -49.68 -2.67
N GLY C 331 5.54 -48.40 -3.02
CA GLY C 331 4.61 -47.82 -3.97
C GLY C 331 4.77 -48.43 -5.36
N VAL C 332 6.00 -48.53 -5.82
CA VAL C 332 6.27 -49.29 -7.02
C VAL C 332 5.76 -50.73 -6.88
N SER C 333 5.91 -51.33 -5.70
CA SER C 333 5.62 -52.75 -5.55
C SER C 333 4.13 -53.04 -5.76
N GLN C 334 3.26 -52.32 -5.07
CA GLN C 334 1.87 -52.68 -5.31
C GLN C 334 1.25 -52.00 -6.53
N ARG C 335 1.95 -51.08 -7.20
CA ARG C 335 1.52 -50.74 -8.55
C ARG C 335 1.91 -51.84 -9.54
N HIS C 336 3.09 -52.41 -9.36
CA HIS C 336 3.54 -53.47 -10.25
C HIS C 336 2.56 -54.65 -10.27
N ARG C 337 2.41 -55.25 -11.44
CA ARG C 337 1.56 -56.41 -11.66
C ARG C 337 2.47 -57.62 -11.96
N LYS C 338 2.55 -58.55 -11.03
CA LYS C 338 3.23 -59.80 -11.35
C LYS C 338 2.29 -60.65 -12.19
N MET C 339 2.83 -61.31 -13.21
CA MET C 339 2.01 -62.30 -13.91
C MET C 339 1.87 -63.53 -13.02
N ASP C 340 0.76 -63.61 -12.29
CA ASP C 340 0.61 -64.59 -11.23
C ASP C 340 0.23 -65.97 -11.73
N MET D 1 -21.87 46.32 25.37
CA MET D 1 -23.20 46.04 25.95
C MET D 1 -23.46 46.78 27.26
N GLU D 2 -24.68 46.62 27.80
CA GLU D 2 -25.04 47.28 29.05
C GLU D 2 -25.19 46.34 30.24
N TYR D 3 -25.43 45.04 30.03
CA TYR D 3 -25.54 44.09 31.14
C TYR D 3 -24.19 43.47 31.45
N ARG D 4 -23.82 43.46 32.73
CA ARG D 4 -22.60 42.83 33.19
C ARG D 4 -22.90 41.54 33.94
N LYS D 5 -22.13 40.50 33.63
CA LYS D 5 -22.31 39.14 34.16
C LYS D 5 -20.93 38.58 34.52
N LEU D 6 -20.91 37.38 35.11
CA LEU D 6 -19.66 36.84 35.63
C LEU D 6 -18.90 35.95 34.63
N GLY D 7 -19.52 34.84 34.23
CA GLY D 7 -18.81 33.68 33.67
C GLY D 7 -17.96 32.95 34.70
N ASN D 8 -18.58 32.31 35.73
CA ASN D 8 -17.94 31.55 36.83
C ASN D 8 -16.62 32.07 37.42
N SER D 9 -16.49 33.36 37.66
CA SER D 9 -15.29 33.85 38.30
C SER D 9 -15.61 35.23 38.84
N GLY D 10 -14.58 35.97 39.24
CA GLY D 10 -14.81 37.28 39.78
C GLY D 10 -14.86 38.32 38.69
N THR D 11 -14.24 38.02 37.56
CA THR D 11 -14.23 38.95 36.44
C THR D 11 -15.61 39.08 35.81
N VAL D 12 -16.05 40.28 35.59
CA VAL D 12 -17.31 40.49 34.91
C VAL D 12 -17.05 40.98 33.49
N VAL D 13 -17.96 40.61 32.61
CA VAL D 13 -17.87 40.99 31.22
C VAL D 13 -19.24 41.49 30.79
N THR D 14 -19.25 42.21 29.67
CA THR D 14 -20.48 42.75 29.14
C THR D 14 -21.25 41.68 28.40
N SER D 15 -22.58 41.69 28.54
CA SER D 15 -23.38 40.61 27.96
C SER D 15 -23.16 40.43 26.47
N TYR D 16 -22.46 41.36 25.82
CA TYR D 16 -22.15 41.26 24.41
C TYR D 16 -20.64 41.29 24.27
N CYS D 17 -20.11 40.36 23.49
CA CYS D 17 -18.68 40.18 23.31
C CYS D 17 -18.33 40.35 21.84
N LEU D 18 -17.16 40.94 21.57
CA LEU D 18 -16.70 41.17 20.21
C LEU D 18 -15.94 39.95 19.67
N GLY D 19 -16.43 39.39 18.57
CA GLY D 19 -15.69 38.38 17.84
C GLY D 19 -14.75 38.98 16.82
N THR D 20 -13.56 38.36 16.70
CA THR D 20 -12.52 38.80 15.79
C THR D 20 -12.19 37.72 14.75
N MET D 21 -13.12 36.81 14.50
CA MET D 21 -12.96 35.84 13.42
C MET D 21 -12.63 36.52 12.09
N THR D 22 -13.30 37.63 11.81
CA THR D 22 -13.20 38.32 10.54
C THR D 22 -11.93 39.15 10.38
N PHE D 23 -11.18 39.40 11.46
CA PHE D 23 -10.05 40.33 11.42
C PHE D 23 -8.86 39.72 10.67
N GLY D 24 -8.51 40.34 9.55
CA GLY D 24 -7.43 39.89 8.69
C GLY D 24 -7.87 39.09 7.48
N GLN D 25 -9.16 38.71 7.39
CA GLN D 25 -9.67 37.79 6.38
C GLN D 25 -10.63 38.47 5.41
N GLU D 26 -11.72 39.07 5.93
CA GLU D 26 -12.69 39.89 5.21
C GLU D 26 -12.66 41.34 5.69
N THR D 27 -12.41 41.52 6.98
CA THR D 27 -12.20 42.83 7.58
C THR D 27 -10.70 43.16 7.52
N ASP D 28 -10.40 44.40 7.14
CA ASP D 28 -9.02 44.88 7.14
C ASP D 28 -8.70 45.50 8.50
N GLU D 29 -7.40 45.62 8.79
CA GLU D 29 -6.98 46.03 10.13
C GLU D 29 -7.47 47.42 10.48
N ALA D 30 -7.58 48.30 9.49
CA ALA D 30 -8.08 49.65 9.74
C ALA D 30 -9.54 49.60 10.21
N THR D 31 -10.39 48.89 9.47
CA THR D 31 -11.78 48.72 9.89
C THR D 31 -11.86 47.96 11.22
N SER D 32 -10.97 46.99 11.43
CA SER D 32 -10.94 46.23 12.69
C SER D 32 -10.74 47.17 13.87
N HIS D 33 -9.67 47.97 13.83
CA HIS D 33 -9.44 48.94 14.90
C HIS D 33 -10.64 49.86 15.07
N LEU D 34 -11.32 50.17 13.96
CA LEU D 34 -12.47 51.06 14.02
C LEU D 34 -13.70 50.34 14.56
N ILE D 35 -13.85 49.05 14.25
CA ILE D 35 -14.95 48.30 14.83
C ILE D 35 -14.74 48.15 16.33
N MET D 36 -13.50 47.93 16.73
CA MET D 36 -13.22 47.74 18.16
C MET D 36 -13.57 48.99 18.94
N ASP D 37 -13.00 50.14 18.57
CA ASP D 37 -13.25 51.33 19.35
C ASP D 37 -14.72 51.72 19.33
N ASP D 38 -15.44 51.35 18.26
CA ASP D 38 -16.90 51.45 18.26
C ASP D 38 -17.48 50.57 19.34
N TYR D 39 -17.00 49.33 19.45
CA TYR D 39 -17.50 48.41 20.43
C TYR D 39 -17.20 48.90 21.85
N ILE D 40 -15.96 49.34 22.08
CA ILE D 40 -15.62 49.96 23.35
C ILE D 40 -16.54 51.17 23.61
N LYS D 41 -16.77 51.97 22.57
CA LYS D 41 -17.63 53.14 22.66
C LYS D 41 -19.07 52.77 23.02
N ALA D 42 -19.51 51.58 22.64
CA ALA D 42 -20.82 51.12 23.05
C ALA D 42 -20.85 50.62 24.50
N GLY D 43 -19.68 50.48 25.14
CA GLY D 43 -19.61 50.06 26.52
C GLY D 43 -19.21 48.62 26.78
N GLY D 44 -18.70 47.90 25.78
CA GLY D 44 -18.22 46.56 25.99
C GLY D 44 -16.81 46.51 26.55
N ASN D 45 -16.48 45.34 27.13
CA ASN D 45 -15.14 45.10 27.69
C ASN D 45 -14.60 43.70 27.40
N PHE D 46 -15.15 42.99 26.41
CA PHE D 46 -14.89 41.57 26.22
C PHE D 46 -14.67 41.28 24.74
N ILE D 47 -13.47 40.83 24.38
CA ILE D 47 -13.15 40.51 22.98
C ILE D 47 -12.59 39.09 22.90
N ASP D 48 -13.18 38.27 22.04
CA ASP D 48 -12.82 36.87 21.86
C ASP D 48 -12.06 36.66 20.55
N THR D 49 -10.85 36.10 20.64
CA THR D 49 -10.12 35.71 19.42
C THR D 49 -9.67 34.25 19.44
N ALA D 50 -8.88 33.86 18.45
CA ALA D 50 -8.30 32.53 18.36
C ALA D 50 -7.01 32.64 17.58
N ASN D 51 -6.04 31.77 17.91
CA ASN D 51 -4.79 31.72 17.14
C ASN D 51 -5.05 31.34 15.68
N VAL D 52 -6.00 30.43 15.42
CA VAL D 52 -6.24 29.98 14.06
C VAL D 52 -6.90 31.06 13.20
N TYR D 53 -7.42 32.12 13.80
CA TYR D 53 -8.10 33.16 13.03
C TYR D 53 -7.06 33.84 12.15
N SER D 54 -7.16 33.58 10.84
CA SER D 54 -6.22 34.10 9.84
C SER D 54 -4.77 33.84 10.22
N ALA D 55 -4.50 32.64 10.72
CA ALA D 55 -3.13 32.24 11.12
C ALA D 55 -2.53 33.22 12.12
N GLY D 56 -3.35 33.69 13.06
CA GLY D 56 -2.87 34.56 14.11
C GLY D 56 -2.84 36.03 13.78
N VAL D 57 -3.17 36.39 12.54
CA VAL D 57 -3.20 37.81 12.18
C VAL D 57 -4.28 38.54 12.98
N SER D 58 -5.45 37.93 13.13
CA SER D 58 -6.47 38.51 13.98
C SER D 58 -5.94 38.79 15.39
N GLU D 59 -5.05 37.95 15.88
CA GLU D 59 -4.49 38.18 17.22
C GLU D 59 -3.53 39.37 17.22
N GLU D 60 -2.66 39.48 16.19
CA GLU D 60 -1.79 40.65 16.13
C GLU D 60 -2.59 41.92 15.97
N ILE D 61 -3.68 41.86 15.18
CA ILE D 61 -4.56 43.03 15.01
C ILE D 61 -5.10 43.50 16.35
N VAL D 62 -5.71 42.59 17.11
CA VAL D 62 -6.13 42.92 18.47
C VAL D 62 -4.94 43.36 19.29
N GLY D 63 -3.79 42.69 19.12
CA GLY D 63 -2.57 43.05 19.81
C GLY D 63 -2.18 44.50 19.63
N ARG D 64 -2.00 44.95 18.40
CA ARG D 64 -1.60 46.34 18.21
C ARG D 64 -2.76 47.32 18.44
N TRP D 65 -4.03 46.90 18.28
CA TRP D 65 -5.13 47.74 18.73
C TRP D 65 -5.04 47.99 20.23
N LEU D 66 -4.71 46.95 21.01
CA LEU D 66 -4.56 47.12 22.45
C LEU D 66 -3.32 47.95 22.79
N LYS D 67 -2.25 47.85 22.00
CA LYS D 67 -1.08 48.68 22.27
C LYS D 67 -1.34 50.16 22.00
N ALA D 68 -2.37 50.49 21.22
CA ALA D 68 -2.65 51.90 20.90
C ALA D 68 -3.67 52.53 21.84
N ARG D 69 -4.10 51.83 22.90
CA ARG D 69 -5.08 52.38 23.85
C ARG D 69 -4.42 53.15 25.00
N GLN D 75 -10.05 48.68 31.42
CA GLN D 75 -9.33 47.49 30.97
C GLN D 75 -10.34 46.50 30.35
N VAL D 76 -9.98 45.93 29.19
CA VAL D 76 -10.84 44.97 28.48
C VAL D 76 -10.38 43.54 28.74
N VAL D 77 -11.34 42.62 28.68
CA VAL D 77 -11.09 41.20 28.88
C VAL D 77 -10.81 40.55 27.52
N VAL D 78 -9.64 39.95 27.37
CA VAL D 78 -9.20 39.32 26.13
C VAL D 78 -9.26 37.80 26.27
N ALA D 79 -9.91 37.15 25.30
CA ALA D 79 -10.02 35.69 25.25
C ALA D 79 -9.42 35.21 23.93
N THR D 80 -8.61 34.15 23.99
CA THR D 80 -8.13 33.51 22.77
C THR D 80 -8.25 32.00 22.93
N LYS D 81 -7.85 31.28 21.89
CA LYS D 81 -7.92 29.82 21.88
C LYS D 81 -6.66 29.24 21.27
N GLY D 82 -6.37 27.98 21.61
CA GLY D 82 -5.52 27.17 20.76
C GLY D 82 -5.95 25.72 20.81
N ARG D 83 -6.32 25.12 19.67
CA ARG D 83 -6.39 23.66 19.58
C ARG D 83 -6.14 23.20 18.14
N PHE D 84 -6.42 24.05 17.20
CA PHE D 84 -6.46 23.71 15.78
C PHE D 84 -5.13 24.05 15.10
N PRO D 85 -4.83 23.41 13.95
CA PRO D 85 -3.46 23.48 13.41
C PRO D 85 -3.04 24.89 13.03
N MET D 86 -1.87 25.29 13.52
CA MET D 86 -1.17 26.47 13.05
C MET D 86 -0.03 26.12 12.09
N GLY D 87 0.05 24.85 11.68
CA GLY D 87 0.94 24.35 10.65
C GLY D 87 0.37 23.06 10.13
N ALA D 88 1.08 22.44 9.20
CA ALA D 88 0.68 21.15 8.66
C ALA D 88 1.35 19.98 9.38
N GLY D 89 1.90 20.21 10.58
CA GLY D 89 2.64 19.20 11.30
C GLY D 89 1.78 18.34 12.22
N PRO D 90 2.33 17.19 12.63
CA PRO D 90 1.58 16.32 13.56
C PRO D 90 1.42 16.88 14.98
N ASN D 91 2.36 17.70 15.46
CA ASN D 91 2.22 18.36 16.75
C ASN D 91 1.99 19.86 16.62
N ASP D 92 1.60 20.34 15.44
CA ASP D 92 1.17 21.71 15.30
C ASP D 92 -0.31 21.91 15.66
N LEU D 93 -0.94 20.89 16.23
CA LEU D 93 -2.35 20.92 16.63
C LEU D 93 -2.53 20.04 17.86
N GLY D 94 -3.67 20.19 18.52
CA GLY D 94 -4.07 19.35 19.63
C GLY D 94 -3.75 19.98 20.99
N LEU D 95 -4.32 19.36 22.03
CA LEU D 95 -4.22 19.85 23.39
C LEU D 95 -3.06 19.22 24.15
N SER D 96 -2.08 18.68 23.43
CA SER D 96 -0.83 18.23 24.04
C SER D 96 -0.13 19.40 24.72
N ARG D 97 0.69 19.09 25.71
CA ARG D 97 1.31 20.19 26.41
C ARG D 97 2.51 20.71 25.64
N THR D 98 3.15 19.88 24.81
CA THR D 98 4.19 20.40 23.91
C THR D 98 3.60 21.39 22.92
N ASN D 99 2.46 21.06 22.29
CA ASN D 99 1.88 22.01 21.34
C ASN D 99 1.26 23.21 22.04
N LEU D 100 0.55 23.00 23.15
CA LEU D 100 -0.06 24.13 23.84
C LEU D 100 0.98 25.06 24.42
N ASN D 101 2.14 24.54 24.84
CA ASN D 101 3.19 25.39 25.37
C ASN D 101 3.58 26.46 24.35
N ARG D 102 3.87 26.04 23.12
CA ARG D 102 4.27 27.03 22.12
C ARG D 102 3.07 27.75 21.53
N ALA D 103 1.87 27.14 21.55
CA ALA D 103 0.67 27.84 21.08
C ALA D 103 0.30 29.00 21.99
N LEU D 104 0.40 28.81 23.31
CA LEU D 104 0.16 29.90 24.25
C LEU D 104 1.24 30.97 24.15
N ASN D 105 2.51 30.55 24.04
CA ASN D 105 3.59 31.53 23.92
C ASN D 105 3.42 32.42 22.68
N ASP D 106 2.92 31.86 21.58
CA ASP D 106 2.83 32.63 20.34
C ASP D 106 1.68 33.63 20.41
N SER D 107 0.51 33.21 20.91
CA SER D 107 -0.58 34.15 21.04
C SER D 107 -0.30 35.18 22.14
N LEU D 108 0.49 34.83 23.15
CA LEU D 108 0.92 35.88 24.07
C LEU D 108 1.71 36.93 23.33
N ARG D 109 2.61 36.50 22.44
CA ARG D 109 3.41 37.42 21.66
C ARG D 109 2.56 38.23 20.67
N ARG D 110 1.65 37.56 19.96
CA ARG D 110 0.82 38.27 18.99
C ARG D 110 -0.13 39.28 19.64
N LEU D 111 -0.61 38.98 20.85
CA LEU D 111 -1.41 39.95 21.59
C LEU D 111 -0.56 40.97 22.31
N GLY D 112 0.76 40.75 22.38
CA GLY D 112 1.66 41.65 23.06
C GLY D 112 1.33 41.85 24.51
N VAL D 113 0.61 40.92 25.14
CA VAL D 113 0.16 41.03 26.51
C VAL D 113 1.01 40.15 27.41
N GLU D 114 0.98 40.44 28.72
CA GLU D 114 1.73 39.71 29.72
C GLU D 114 0.91 38.64 30.45
N GLN D 115 -0.42 38.65 30.25
CA GLN D 115 -1.28 37.62 30.82
C GLN D 115 -2.62 37.62 30.07
N ILE D 116 -2.90 36.53 29.35
CA ILE D 116 -4.21 36.35 28.74
C ILE D 116 -5.26 36.15 29.83
N ASP D 117 -6.44 36.72 29.65
CA ASP D 117 -7.42 36.59 30.73
C ASP D 117 -8.15 35.25 30.67
N LEU D 118 -8.46 34.78 29.47
CA LEU D 118 -9.26 33.58 29.28
C LEU D 118 -8.68 32.86 28.09
N TYR D 119 -8.21 31.63 28.33
CA TYR D 119 -7.58 30.81 27.30
C TYR D 119 -8.45 29.56 27.13
N GLN D 120 -8.99 29.35 25.94
CA GLN D 120 -9.95 28.29 25.75
C GLN D 120 -9.41 27.19 24.84
N MET D 121 -9.72 25.94 25.20
CA MET D 121 -9.48 24.79 24.32
C MET D 121 -10.49 24.81 23.19
N HIS D 122 -10.01 24.95 21.94
CA HIS D 122 -10.92 25.22 20.84
C HIS D 122 -11.82 24.03 20.54
N ALA D 123 -11.34 22.82 20.77
CA ALA D 123 -12.18 21.64 20.65
C ALA D 123 -11.57 20.55 21.52
N TRP D 124 -12.41 19.58 21.87
CA TRP D 124 -11.96 18.38 22.55
C TRP D 124 -10.82 17.73 21.77
N ASP D 125 -9.95 17.01 22.48
CA ASP D 125 -8.81 16.32 21.86
C ASP D 125 -8.72 14.90 22.42
N ALA D 126 -9.37 13.94 21.75
CA ALA D 126 -9.35 12.57 22.26
C ALA D 126 -7.94 11.98 22.30
N VAL D 127 -7.00 12.51 21.52
CA VAL D 127 -5.64 11.97 21.52
C VAL D 127 -4.96 12.22 22.87
N THR D 128 -5.16 13.41 23.43
CA THR D 128 -4.50 13.89 24.62
C THR D 128 -5.33 13.54 25.85
N PRO D 129 -4.74 12.88 26.84
CA PRO D 129 -5.46 12.70 28.11
C PRO D 129 -5.77 14.05 28.73
N ILE D 130 -6.97 14.15 29.30
CA ILE D 130 -7.41 15.42 29.87
C ILE D 130 -6.51 15.81 31.03
N GLU D 131 -5.92 14.83 31.70
CA GLU D 131 -5.02 15.12 32.81
C GLU D 131 -3.84 15.97 32.35
N GLU D 132 -3.33 15.69 31.16
CA GLU D 132 -2.16 16.41 30.69
C GLU D 132 -2.54 17.85 30.34
N THR D 133 -3.66 18.04 29.68
CA THR D 133 -4.10 19.39 29.31
C THR D 133 -4.35 20.24 30.56
N LEU D 134 -5.19 19.72 31.45
CA LEU D 134 -5.53 20.48 32.66
C LEU D 134 -4.28 20.79 33.48
N ARG D 135 -3.33 19.83 33.54
CA ARG D 135 -2.10 20.09 34.27
C ARG D 135 -1.27 21.19 33.60
N PHE D 136 -1.23 21.20 32.27
CA PHE D 136 -0.57 22.31 31.61
C PHE D 136 -1.28 23.64 31.93
N LEU D 137 -2.61 23.68 31.78
CA LEU D 137 -3.34 24.90 32.05
C LEU D 137 -3.08 25.38 33.48
N ASP D 138 -2.97 24.45 34.44
CA ASP D 138 -2.72 24.88 35.81
C ASP D 138 -1.33 25.48 35.95
N ASP D 139 -0.34 24.88 35.27
CA ASP D 139 1.01 25.45 35.24
C ASP D 139 1.01 26.85 34.64
N ALA D 140 0.09 27.11 33.70
CA ALA D 140 0.02 28.45 33.11
C ALA D 140 -0.61 29.46 34.07
N VAL D 141 -1.56 29.01 34.91
CA VAL D 141 -2.09 29.87 35.95
C VAL D 141 -1.00 30.18 36.98
N SER D 142 -0.24 29.17 37.38
CA SER D 142 0.84 29.42 38.33
C SER D 142 1.90 30.32 37.74
N ALA D 143 2.04 30.32 36.42
CA ALA D 143 3.08 31.13 35.81
C ALA D 143 2.63 32.57 35.57
N GLY D 144 1.37 32.89 35.83
CA GLY D 144 0.83 34.16 35.41
C GLY D 144 0.60 34.33 33.91
N LYS D 145 0.80 33.28 33.09
CA LYS D 145 0.54 33.42 31.65
C LYS D 145 -0.95 33.61 31.33
N ILE D 146 -1.85 33.02 32.11
CA ILE D 146 -3.27 33.10 31.87
C ILE D 146 -3.98 33.23 33.20
N ALA D 147 -5.16 33.84 33.18
CA ALA D 147 -5.95 33.90 34.39
C ALA D 147 -6.91 32.71 34.49
N TYR D 148 -7.71 32.50 33.45
CA TYR D 148 -8.73 31.47 33.46
C TYR D 148 -8.60 30.60 32.22
N TYR D 149 -9.28 29.47 32.25
CA TYR D 149 -9.40 28.63 31.07
C TYR D 149 -10.86 28.21 30.95
N GLY D 150 -11.28 27.99 29.71
CA GLY D 150 -12.59 27.46 29.43
C GLY D 150 -12.53 26.55 28.23
N PHE D 151 -13.67 26.15 27.72
CA PHE D 151 -13.66 25.26 26.59
C PHE D 151 -14.48 25.84 25.47
N SER D 152 -14.44 25.12 24.35
CA SER D 152 -15.36 25.29 23.24
C SER D 152 -15.39 23.96 22.51
N ASN D 153 -16.58 23.53 22.08
CA ASN D 153 -16.73 22.26 21.35
C ASN D 153 -16.25 21.09 22.23
N TYR D 154 -16.74 21.09 23.46
CA TYR D 154 -16.69 19.95 24.35
C TYR D 154 -18.09 19.36 24.44
N LEU D 155 -18.13 18.04 24.57
CA LEU D 155 -19.37 17.34 24.85
C LEU D 155 -19.74 17.54 26.32
N GLY D 156 -20.99 17.22 26.65
CA GLY D 156 -21.43 17.38 28.03
C GLY D 156 -20.69 16.46 28.97
N TRP D 157 -20.50 15.20 28.59
CA TRP D 157 -19.71 14.31 29.44
C TRP D 157 -18.25 14.76 29.50
N GLN D 158 -17.78 15.46 28.46
CA GLN D 158 -16.39 15.86 28.43
C GLN D 158 -16.15 17.04 29.36
N VAL D 159 -17.05 18.02 29.34
CA VAL D 159 -17.03 19.08 30.34
C VAL D 159 -17.02 18.46 31.74
N THR D 160 -17.94 17.53 31.98
CA THR D 160 -18.11 17.00 33.34
C THR D 160 -16.85 16.29 33.79
N LYS D 161 -16.20 15.55 32.88
CA LYS D 161 -14.95 14.89 33.26
C LYS D 161 -13.87 15.91 33.56
N ALA D 162 -13.78 16.97 32.75
CA ALA D 162 -12.77 18.00 32.97
C ALA D 162 -12.98 18.70 34.29
N VAL D 163 -14.24 18.98 34.63
CA VAL D 163 -14.57 19.68 35.86
C VAL D 163 -14.16 18.85 37.08
N HIS D 164 -14.50 17.56 37.08
CA HIS D 164 -14.21 16.74 38.26
C HIS D 164 -12.77 16.25 38.32
N VAL D 165 -12.14 16.02 37.18
CA VAL D 165 -10.70 15.75 37.19
C VAL D 165 -9.94 16.98 37.70
N ALA D 166 -10.32 18.17 37.23
CA ALA D 166 -9.68 19.39 37.71
C ALA D 166 -9.80 19.54 39.23
N ARG D 167 -10.96 19.16 39.81
CA ARG D 167 -11.02 19.38 41.24
C ARG D 167 -10.53 18.17 42.04
N ALA D 168 -10.32 17.03 41.40
CA ALA D 168 -9.61 15.97 42.11
C ALA D 168 -8.14 16.35 42.34
N ASN D 169 -7.55 17.15 41.45
CA ASN D 169 -6.14 17.50 41.54
C ASN D 169 -5.91 18.93 42.04
N HIS D 170 -6.92 19.55 42.66
CA HIS D 170 -6.81 20.90 43.23
C HIS D 170 -6.39 21.94 42.17
N TRP D 171 -6.87 21.77 40.93
CA TRP D 171 -6.67 22.79 39.91
C TRP D 171 -7.86 23.76 39.87
N THR D 172 -7.64 24.92 39.27
CA THR D 172 -8.73 25.87 39.17
C THR D 172 -9.84 25.32 38.27
N ALA D 173 -11.02 25.88 38.43
CA ALA D 173 -12.19 25.47 37.67
C ALA D 173 -12.21 26.14 36.30
N PRO D 174 -12.59 25.42 35.26
CA PRO D 174 -12.99 26.09 34.02
C PRO D 174 -14.13 27.07 34.30
N VAL D 175 -14.14 28.18 33.58
CA VAL D 175 -15.15 29.19 33.80
C VAL D 175 -16.25 29.14 32.75
N THR D 176 -15.94 28.79 31.51
CA THR D 176 -16.91 29.00 30.45
C THR D 176 -16.82 27.88 29.44
N LEU D 177 -17.84 27.81 28.62
CA LEU D 177 -17.85 27.01 27.42
C LEU D 177 -18.36 27.89 26.28
N GLN D 178 -17.74 27.78 25.09
CA GLN D 178 -18.11 28.59 23.92
C GLN D 178 -18.79 27.70 22.89
N PRO D 179 -20.09 27.48 23.00
CA PRO D 179 -20.78 26.63 22.03
C PRO D 179 -21.35 27.44 20.88
N GLN D 180 -21.75 26.72 19.86
CA GLN D 180 -22.54 27.32 18.82
C GLN D 180 -23.99 27.33 19.30
N TYR D 181 -24.61 28.50 19.36
CA TYR D 181 -25.94 28.59 19.97
C TYR D 181 -26.74 29.73 19.34
N ASN D 182 -27.87 29.36 18.75
CA ASN D 182 -28.86 30.29 18.21
C ASN D 182 -30.17 29.52 18.07
N LEU D 183 -31.20 30.15 17.52
CA LEU D 183 -32.49 29.47 17.48
C LEU D 183 -32.51 28.25 16.57
N LEU D 184 -31.61 28.19 15.58
CA LEU D 184 -31.57 27.02 14.72
C LEU D 184 -30.65 25.92 15.26
N VAL D 185 -29.78 26.24 16.21
CA VAL D 185 -28.80 25.29 16.76
C VAL D 185 -28.96 25.30 18.28
N ARG D 186 -29.83 24.43 18.79
CA ARG D 186 -30.14 24.43 20.22
C ARG D 186 -29.85 23.10 20.88
N ASP D 187 -29.11 22.21 20.22
CA ASP D 187 -28.95 20.87 20.76
C ASP D 187 -27.93 20.76 21.89
N ILE D 188 -27.19 21.84 22.21
CA ILE D 188 -26.41 21.85 23.45
C ILE D 188 -27.28 21.78 24.68
N GLU D 189 -28.59 21.97 24.54
CA GLU D 189 -29.48 21.96 25.69
C GLU D 189 -29.77 20.55 26.20
N HIS D 190 -29.25 19.51 25.56
CA HIS D 190 -29.48 18.15 26.05
C HIS D 190 -28.42 17.73 27.06
N GLU D 191 -27.15 18.02 26.80
CA GLU D 191 -26.14 17.55 27.75
C GLU D 191 -25.22 18.67 28.14
N ILE D 192 -24.93 19.57 27.19
CA ILE D 192 -23.87 20.56 27.39
C ILE D 192 -24.31 21.67 28.35
N VAL D 193 -25.52 22.16 28.21
CA VAL D 193 -26.00 23.20 29.10
C VAL D 193 -26.19 22.62 30.50
N PRO D 194 -26.86 21.47 30.68
CA PRO D 194 -26.94 20.89 32.04
C PRO D 194 -25.57 20.64 32.67
N ALA D 195 -24.61 20.17 31.87
CA ALA D 195 -23.26 19.96 32.38
C ALA D 195 -22.61 21.27 32.86
N CYS D 196 -22.67 22.34 32.04
CA CYS D 196 -22.11 23.63 32.44
C CYS D 196 -22.83 24.24 33.63
N GLN D 197 -24.15 23.98 33.72
CA GLN D 197 -24.92 24.51 34.82
C GLN D 197 -24.56 23.82 36.12
N ASP D 198 -24.51 22.49 36.11
CA ASP D 198 -24.09 21.77 37.31
C ASP D 198 -22.72 22.21 37.79
N ALA D 199 -21.83 22.61 36.88
CA ALA D 199 -20.51 23.11 37.27
C ALA D 199 -20.46 24.63 37.43
N ALA D 200 -21.61 25.31 37.36
CA ALA D 200 -21.66 26.77 37.47
C ALA D 200 -20.87 27.48 36.35
N MET D 201 -20.62 26.82 35.24
CA MET D 201 -19.95 27.53 34.16
C MET D 201 -20.96 28.39 33.39
N GLY D 202 -20.43 29.39 32.69
CA GLY D 202 -21.24 30.19 31.77
C GLY D 202 -21.03 29.78 30.32
N LEU D 203 -22.04 30.02 29.49
CA LEU D 203 -21.94 29.83 28.04
C LEU D 203 -21.48 31.11 27.35
N LEU D 204 -20.62 30.96 26.36
CA LEU D 204 -20.25 32.04 25.45
C LEU D 204 -20.77 31.67 24.06
N PRO D 205 -22.04 31.94 23.74
CA PRO D 205 -22.56 31.51 22.44
C PRO D 205 -21.97 32.34 21.31
N TRP D 206 -21.59 31.65 20.24
CA TRP D 206 -21.10 32.28 19.02
C TRP D 206 -21.94 31.77 17.85
N SER D 207 -21.83 32.51 16.73
CA SER D 207 -22.73 32.37 15.59
C SER D 207 -24.16 32.56 16.00
N PRO D 208 -24.55 33.60 16.68
CA PRO D 208 -25.93 33.74 17.16
C PRO D 208 -26.92 34.13 16.08
N LEU D 209 -26.45 34.60 14.93
CA LEU D 209 -27.32 34.88 13.79
C LEU D 209 -27.38 33.72 12.80
N GLY D 210 -26.89 32.54 13.17
CA GLY D 210 -26.92 31.41 12.27
C GLY D 210 -26.03 31.53 11.06
N GLY D 211 -24.97 32.33 11.15
CA GLY D 211 -24.15 32.64 10.00
C GLY D 211 -24.77 33.62 9.05
N GLY D 212 -25.84 34.31 9.47
CA GLY D 212 -26.60 35.20 8.62
C GLY D 212 -28.04 34.76 8.41
N TRP D 213 -28.29 33.45 8.46
CA TRP D 213 -29.61 32.90 8.14
C TRP D 213 -30.72 33.43 9.03
N LEU D 214 -30.38 34.02 10.17
CA LEU D 214 -31.36 34.61 11.06
C LEU D 214 -31.40 36.13 10.95
N ALA D 215 -30.45 36.74 10.22
CA ALA D 215 -30.42 38.18 10.00
C ALA D 215 -31.23 38.56 8.76
N ARG D 249 -39.74 24.10 11.57
CA ARG D 249 -38.74 24.10 10.52
C ARG D 249 -37.91 25.38 10.55
N THR D 250 -36.87 25.40 9.71
CA THR D 250 -35.99 26.56 9.62
C THR D 250 -36.78 27.83 9.28
N TRP D 251 -37.50 27.80 8.16
CA TRP D 251 -38.27 28.98 7.76
C TRP D 251 -39.39 29.28 8.75
N GLN D 252 -39.87 28.28 9.50
CA GLN D 252 -40.85 28.53 10.54
C GLN D 252 -40.27 29.37 11.67
N ILE D 253 -39.02 29.11 12.03
CA ILE D 253 -38.39 29.87 13.10
C ILE D 253 -38.08 31.29 12.63
N ILE D 254 -37.51 31.41 11.42
CA ILE D 254 -37.16 32.72 10.88
C ILE D 254 -38.40 33.59 10.75
N ASP D 255 -39.53 32.97 10.43
CA ASP D 255 -40.76 33.73 10.24
C ASP D 255 -41.27 34.30 11.56
N MET D 256 -41.09 33.55 12.65
CA MET D 256 -41.49 34.07 13.96
C MET D 256 -40.54 35.13 14.48
N VAL D 257 -39.25 35.01 14.17
CA VAL D 257 -38.34 36.07 14.55
C VAL D 257 -38.69 37.36 13.81
N ALA D 258 -38.90 37.25 12.49
CA ALA D 258 -39.37 38.40 11.71
C ALA D 258 -40.69 38.96 12.25
N GLU D 259 -41.60 38.08 12.66
CA GLU D 259 -42.86 38.48 13.27
C GLU D 259 -42.62 39.33 14.51
N ILE D 260 -41.89 38.78 15.48
CA ILE D 260 -41.63 39.52 16.71
C ILE D 260 -40.81 40.78 16.41
N ALA D 261 -40.03 40.77 15.33
CA ALA D 261 -39.12 41.87 15.04
C ALA D 261 -39.87 43.17 14.80
N LYS D 262 -40.88 43.16 13.94
CA LYS D 262 -41.56 44.41 13.65
C LYS D 262 -42.93 44.56 14.30
N GLU D 263 -43.28 43.70 15.26
CA GLU D 263 -44.21 44.16 16.29
C GLU D 263 -43.54 45.16 17.22
N ARG D 264 -42.20 45.18 17.27
CA ARG D 264 -41.44 46.02 18.18
C ARG D 264 -40.66 47.12 17.46
N GLY D 265 -40.68 47.17 16.13
CA GLY D 265 -39.97 48.21 15.41
C GLY D 265 -38.48 48.02 15.32
N VAL D 266 -38.00 46.78 15.27
CA VAL D 266 -36.58 46.48 15.35
C VAL D 266 -36.22 45.46 14.27
N SER D 267 -34.92 45.27 14.10
CA SER D 267 -34.38 44.31 13.14
C SER D 267 -34.56 42.87 13.63
N ALA D 268 -34.64 41.94 12.67
CA ALA D 268 -34.75 40.51 12.99
C ALA D 268 -33.46 39.97 13.62
N ALA D 269 -32.31 40.41 13.11
CA ALA D 269 -31.06 40.07 13.79
C ALA D 269 -31.07 40.55 15.24
N GLN D 270 -31.79 41.64 15.52
CA GLN D 270 -31.82 42.19 16.87
C GLN D 270 -32.72 41.39 17.79
N VAL D 271 -33.73 40.71 17.22
CA VAL D 271 -34.62 39.91 18.05
C VAL D 271 -33.99 38.56 18.35
N ALA D 272 -33.36 37.94 17.35
CA ALA D 272 -32.66 36.69 17.58
C ALA D 272 -31.49 36.87 18.55
N LEU D 273 -30.73 37.96 18.39
CA LEU D 273 -29.62 38.26 19.29
C LEU D 273 -30.09 38.46 20.74
N ALA D 274 -31.20 39.16 20.94
CA ALA D 274 -31.71 39.30 22.30
C ALA D 274 -32.31 37.99 22.81
N TRP D 275 -32.57 37.04 21.92
CA TRP D 275 -33.02 35.74 22.38
C TRP D 275 -31.85 34.95 22.97
N VAL D 276 -30.67 35.04 22.37
CA VAL D 276 -29.54 34.26 22.85
C VAL D 276 -29.07 34.78 24.21
N VAL D 277 -28.78 36.08 24.33
CA VAL D 277 -28.25 36.61 25.58
C VAL D 277 -29.20 36.45 26.76
N ALA D 278 -30.46 36.13 26.51
CA ALA D 278 -31.42 35.89 27.58
C ALA D 278 -31.57 34.41 27.95
N ARG D 279 -30.92 33.50 27.24
CA ARG D 279 -31.13 32.09 27.50
C ARG D 279 -30.34 31.64 28.74
N PRO D 280 -30.81 30.63 29.45
CA PRO D 280 -30.13 30.22 30.69
C PRO D 280 -28.66 29.87 30.42
N ALA D 281 -27.84 30.15 31.42
CA ALA D 281 -26.42 29.81 31.53
C ALA D 281 -25.56 30.75 30.67
N VAL D 282 -26.17 31.66 29.94
CA VAL D 282 -25.42 32.47 28.99
C VAL D 282 -24.68 33.57 29.74
N THR D 283 -23.41 33.76 29.40
CA THR D 283 -22.61 34.85 29.95
C THR D 283 -22.52 36.03 29.00
N ALA D 284 -22.13 35.80 27.76
CA ALA D 284 -21.98 36.88 26.79
C ALA D 284 -22.02 36.27 25.41
N VAL D 285 -22.77 36.90 24.51
CA VAL D 285 -22.81 36.50 23.12
C VAL D 285 -21.67 37.18 22.38
N ILE D 286 -21.06 36.47 21.46
CA ILE D 286 -19.95 36.99 20.68
C ILE D 286 -20.51 37.39 19.32
N LEU D 287 -20.24 38.64 18.93
CA LEU D 287 -20.79 39.23 17.72
C LEU D 287 -19.79 39.08 16.58
N GLY D 288 -20.27 38.65 15.41
CA GLY D 288 -19.43 38.48 14.24
C GLY D 288 -19.44 39.68 13.33
N ALA D 289 -19.27 40.87 13.90
CA ALA D 289 -19.28 42.12 13.15
C ALA D 289 -18.18 42.13 12.10
N ARG D 290 -18.57 42.32 10.83
CA ARG D 290 -17.62 42.44 9.74
C ARG D 290 -17.34 43.90 9.35
N THR D 291 -18.33 44.78 9.47
CA THR D 291 -18.16 46.20 9.22
C THR D 291 -18.74 46.99 10.39
N ARG D 292 -18.23 48.21 10.58
CA ARG D 292 -18.70 49.03 11.70
C ARG D 292 -20.20 49.18 11.68
N GLU D 293 -20.77 49.29 10.48
CA GLU D 293 -22.22 49.44 10.39
C GLU D 293 -22.92 48.20 10.90
N GLN D 294 -22.42 47.01 10.55
CA GLN D 294 -23.06 45.78 11.04
C GLN D 294 -22.84 45.63 12.54
N LEU D 295 -21.73 46.14 13.07
CA LEU D 295 -21.52 46.16 14.52
C LEU D 295 -22.52 47.08 15.20
N ALA D 296 -22.67 48.29 14.66
CA ALA D 296 -23.69 49.20 15.16
C ALA D 296 -25.08 48.59 15.06
N ASP D 297 -25.34 47.81 14.01
CA ASP D 297 -26.66 47.23 13.84
C ASP D 297 -26.91 46.08 14.81
N ASN D 298 -25.86 45.32 15.18
CA ASN D 298 -26.04 44.25 16.15
C ASN D 298 -26.22 44.81 17.56
N LEU D 299 -25.38 45.77 17.96
CA LEU D 299 -25.44 46.31 19.31
C LEU D 299 -26.72 47.11 19.57
N GLY D 300 -27.48 47.44 18.54
CA GLY D 300 -28.83 47.92 18.77
C GLY D 300 -29.68 46.92 19.51
N ALA D 301 -29.28 45.65 19.52
CA ALA D 301 -30.01 44.60 20.22
C ALA D 301 -29.90 44.69 21.74
N VAL D 302 -28.95 45.47 22.27
CA VAL D 302 -28.86 45.49 23.72
C VAL D 302 -30.00 46.29 24.32
N ALA D 303 -30.48 47.32 23.61
CA ALA D 303 -31.66 48.04 24.08
C ALA D 303 -32.90 47.18 24.01
N VAL D 304 -32.96 46.25 23.05
CA VAL D 304 -34.08 45.30 22.97
C VAL D 304 -33.99 44.31 24.12
N THR D 305 -35.06 44.19 24.88
CA THR D 305 -35.20 43.19 25.94
C THR D 305 -36.55 42.50 25.76
N LEU D 306 -36.54 41.23 25.35
CA LEU D 306 -37.75 40.53 24.98
C LEU D 306 -38.55 40.10 26.20
N SER D 307 -39.87 40.12 26.07
CA SER D 307 -40.76 39.80 27.17
C SER D 307 -40.79 38.30 27.42
N THR D 308 -41.34 37.96 28.59
CA THR D 308 -41.66 36.57 28.90
C THR D 308 -42.42 35.92 27.76
N GLU D 309 -43.44 36.60 27.26
CA GLU D 309 -44.35 36.01 26.29
C GLU D 309 -43.64 35.79 24.96
N GLU D 310 -42.86 36.76 24.50
CA GLU D 310 -42.17 36.61 23.23
C GLU D 310 -41.09 35.54 23.30
N MET D 311 -40.34 35.49 24.41
CA MET D 311 -39.31 34.46 24.46
C MET D 311 -39.91 33.09 24.66
N GLU D 312 -41.04 32.98 25.36
CA GLU D 312 -41.67 31.67 25.46
C GLU D 312 -42.18 31.18 24.11
N ARG D 313 -42.68 32.06 23.24
CA ARG D 313 -43.14 31.56 21.95
C ARG D 313 -41.97 31.24 21.02
N LEU D 314 -40.92 32.05 21.04
CA LEU D 314 -39.70 31.64 20.33
C LEU D 314 -39.17 30.30 20.84
N ASN D 315 -39.23 30.06 22.15
CA ASN D 315 -38.81 28.77 22.69
C ASN D 315 -39.69 27.64 22.14
N ARG D 316 -40.99 27.90 22.02
CA ARG D 316 -41.92 26.86 21.56
C ARG D 316 -41.74 26.55 20.07
N VAL D 317 -41.54 27.59 19.25
CA VAL D 317 -41.43 27.38 17.82
C VAL D 317 -40.04 26.90 17.43
N SER D 318 -39.04 27.14 18.27
CA SER D 318 -37.66 26.77 17.99
C SER D 318 -37.21 25.53 18.74
N ALA D 319 -38.02 25.03 19.68
CA ALA D 319 -37.65 23.91 20.54
C ALA D 319 -37.12 22.75 19.69
N PRO D 320 -35.97 22.16 20.03
CA PRO D 320 -35.41 21.13 19.15
C PRO D 320 -36.33 19.92 19.05
N ALA D 321 -36.98 19.77 17.90
CA ALA D 321 -37.91 18.66 17.66
C ALA D 321 -37.09 17.40 17.45
N MET D 322 -36.42 16.95 18.51
CA MET D 322 -35.51 15.81 18.46
C MET D 322 -36.31 14.55 18.75
N ALA D 323 -36.62 13.79 17.69
CA ALA D 323 -37.35 12.55 17.89
C ALA D 323 -36.49 11.67 18.78
N ASP D 324 -36.94 11.39 20.00
CA ASP D 324 -36.05 10.72 20.92
C ASP D 324 -36.74 9.67 21.75
N TYR D 325 -35.97 8.62 22.05
CA TYR D 325 -36.02 8.00 23.37
C TYR D 325 -35.32 8.92 24.36
N PRO D 326 -33.96 9.10 24.30
CA PRO D 326 -33.25 9.59 25.50
C PRO D 326 -33.39 11.08 25.76
N TYR D 327 -33.44 11.91 24.73
CA TYR D 327 -33.22 13.33 24.90
C TYR D 327 -34.45 14.19 24.66
N GLY D 328 -35.62 13.59 24.48
CA GLY D 328 -36.76 14.38 24.08
C GLY D 328 -38.04 14.00 24.78
N GLU D 329 -39.13 13.93 24.00
CA GLU D 329 -40.49 13.91 24.51
C GLU D 329 -40.70 12.99 25.71
N ARG D 330 -40.60 11.69 25.46
CA ARG D 330 -40.88 10.69 26.49
C ARG D 330 -39.69 10.50 27.42
N GLY D 331 -38.47 10.69 26.91
CA GLY D 331 -37.30 10.40 27.71
C GLY D 331 -37.14 11.35 28.89
N VAL D 332 -37.32 12.65 28.66
CA VAL D 332 -37.15 13.59 29.75
C VAL D 332 -38.26 13.42 30.80
N SER D 333 -39.46 13.01 30.39
CA SER D 333 -40.56 12.87 31.34
C SER D 333 -40.31 11.73 32.31
N GLN D 334 -39.83 10.59 31.82
CA GLN D 334 -39.49 9.49 32.70
C GLN D 334 -38.36 9.86 33.66
N ARG D 335 -37.39 10.69 33.22
CA ARG D 335 -36.31 11.13 34.11
C ARG D 335 -36.77 12.19 35.09
N HIS D 336 -37.82 12.94 34.74
CA HIS D 336 -38.38 13.92 35.64
C HIS D 336 -39.01 13.22 36.83
N ARG D 337 -38.91 13.87 37.98
CA ARG D 337 -39.53 13.39 39.20
C ARG D 337 -40.50 14.48 39.66
N LYS D 338 -41.79 14.17 39.61
CA LYS D 338 -42.78 15.09 40.16
C LYS D 338 -42.67 15.08 41.67
N MET D 339 -42.58 16.29 42.25
CA MET D 339 -42.44 16.41 43.71
C MET D 339 -43.74 16.11 44.45
N ASP D 340 -44.87 16.00 43.73
CA ASP D 340 -46.14 15.60 44.33
C ASP D 340 -46.22 14.10 44.52
N GLY D 341 -45.60 13.31 43.65
CA GLY D 341 -45.67 11.86 43.70
C GLY D 341 -46.51 11.22 42.59
NA NA E . -7.78 -4.85 -8.10
NA NA F . -3.82 -13.02 -14.25
NA NA G . -5.63 -32.34 -47.50
CL CL H . -4.41 -9.61 -23.50
CL CL I . -21.92 -13.89 -52.55
CL CL J . -36.10 -23.01 3.02
NA NA K . -1.02 5.47 19.02
NA NA L . 37.00 59.15 20.42
CL CL M . 36.54 61.09 17.87
CL CL N . 6.92 16.48 47.08
CL CL O . 4.92 10.36 23.17
NA NA P . 15.13 -18.25 -28.15
NA NA Q . -14.06 35.53 31.51
#